data_3G70
#
_entry.id   3G70
#
_cell.length_a   65.730
_cell.length_b   89.460
_cell.length_c   118.370
_cell.angle_alpha   90.00
_cell.angle_beta   90.00
_cell.angle_gamma   90.00
#
_symmetry.space_group_name_H-M   'P 21 21 21'
#
loop_
_entity.id
_entity.type
_entity.pdbx_description
1 polymer Renin
2 non-polymer (1R,5S)-7-{4-[3-(2-chloro-3,6-difluorophenoxy)propyl]phenyl}-N-cyclopropyl-N-(2,3-dichlorobenzyl)-3,9-diazabicyclo[3.3.1]non-6-ene-6-carboxamide
3 non-polymer 'DIMETHYL SULFOXIDE'
4 non-polymer 2-acetamido-2-deoxy-beta-D-glucopyranose
5 water water
#
_entity_poly.entity_id   1
_entity_poly.type   'polypeptide(L)'
_entity_poly.pdbx_seq_one_letter_code
;LTLGNTTSSVILTNYMDTQYYGEIGIGTPPQTFKVVFDTGSSNVWVPSSKCSRLYTACVYHKLFDASDSSSYKHNGTELT
LRYSTGTVSGFLSQDIITVGGITVTQMFGEVTEMPALPFMLAEFDGVVGMGFIEQAIGRVTPIFDNIISQGVLKEDVFSF
YYNRDSENSQSLGGQIVLGGSDPQHYEGNFHYINLIKTGVWQIQMKGVSVGSSTLLCEDGCLALVDTGASYISGSTSSIE
KLMEALGAKKRLFDYVVKCNEGPTLPDISFHLGGKEYTLTSADYVFQESYSSKKLCTLAIHAMDIPPPTGPTWALGATFI
RKFYTEFDRRNNRIGFALARH
;
_entity_poly.pdbx_strand_id   A,B
#
loop_
_chem_comp.id
_chem_comp.type
_chem_comp.name
_chem_comp.formula
A5T non-polymer (1R,5S)-7-{4-[3-(2-chloro-3,6-difluorophenoxy)propyl]phenyl}-N-cyclopropyl-N-(2,3-dichlorobenzyl)-3,9-diazabicyclo[3.3.1]non-6-ene-6-carboxamide 'C33 H32 Cl3 F2 N3 O2'
DMS non-polymer 'DIMETHYL SULFOXIDE' 'C2 H6 O S'
NAG D-saccharide, beta linking 2-acetamido-2-deoxy-beta-D-glucopyranose 'C8 H15 N O6'
#
# COMPACT_ATOMS: atom_id res chain seq x y z
N GLY A 4 38.01 19.53 8.05
CA GLY A 4 38.03 18.75 9.32
C GLY A 4 37.01 17.64 9.34
N ASN A 5 36.96 16.91 10.45
CA ASN A 5 35.99 15.84 10.63
C ASN A 5 35.24 16.04 11.95
N THR A 6 34.56 17.19 12.05
CA THR A 6 33.71 17.47 13.19
C THR A 6 32.31 17.92 12.81
N THR A 7 31.35 17.47 13.61
CA THR A 7 30.03 18.04 13.63
C THR A 7 29.70 18.46 15.05
N SER A 8 28.77 19.38 15.15
CA SER A 8 28.39 19.96 16.41
C SER A 8 26.88 20.10 16.39
N SER A 9 26.22 19.49 17.36
CA SER A 9 24.78 19.62 17.48
C SER A 9 24.41 20.41 18.74
N VAL A 10 23.26 21.10 18.67
CA VAL A 10 22.71 21.89 19.79
C VAL A 10 21.24 21.46 19.99
N ILE A 11 20.87 21.14 21.23
CA ILE A 11 19.49 20.76 21.60
C ILE A 11 18.59 21.99 21.59
N LEU A 12 17.41 21.85 20.98
CA LEU A 12 16.44 22.94 21.01
C LEU A 12 15.27 22.62 21.89
N THR A 13 14.68 23.68 22.44
CA THR A 13 13.41 23.68 23.17
C THR A 13 12.30 24.23 22.25
N ASN A 14 11.17 23.52 22.22
CA ASN A 14 9.97 23.90 21.46
C ASN A 14 9.00 24.57 22.43
N TYR A 15 8.81 25.88 22.29
CA TYR A 15 7.76 26.54 23.02
C TYR A 15 6.52 26.68 22.13
N MET A 16 5.49 25.86 22.44
CA MET A 16 4.16 25.98 21.83
C MET A 16 4.14 26.02 20.29
N ASP A 17 5.11 25.34 19.70
CA ASP A 17 5.22 25.22 18.24
C ASP A 17 5.62 26.53 17.51
N THR A 18 5.89 27.60 18.25
CA THR A 18 6.19 28.88 17.58
C THR A 18 7.60 29.37 17.81
N GLN A 19 8.27 28.81 18.80
CA GLN A 19 9.63 29.24 19.19
C GLN A 19 10.53 28.06 19.48
N TYR A 20 11.63 27.99 18.75
CA TYR A 20 12.55 26.87 18.84
C TYR A 20 13.89 27.50 19.13
N TYR A 21 14.41 27.28 20.33
CA TYR A 21 15.64 27.94 20.76
C TYR A 21 16.64 27.05 21.46
N GLY A 22 17.91 27.49 21.47
CA GLY A 22 19.01 26.71 22.04
C GLY A 22 20.03 27.61 22.71
N GLU A 23 21.01 27.00 23.35
CA GLU A 23 21.93 27.79 24.13
C GLU A 23 23.17 28.15 23.32
N ILE A 24 23.66 29.36 23.58
CA ILE A 24 25.03 29.77 23.26
C ILE A 24 25.66 30.39 24.53
N GLY A 25 27.00 30.49 24.51
CA GLY A 25 27.73 31.12 25.62
C GLY A 25 28.58 32.20 24.99
N ILE A 26 28.59 33.38 25.60
CA ILE A 26 29.39 34.50 25.11
C ILE A 26 30.28 35.02 26.21
N GLY A 27 31.59 35.14 25.92
CA GLY A 27 32.51 35.81 26.83
C GLY A 27 33.29 34.85 27.71
N THR A 28 34.13 35.44 28.58
CA THR A 28 34.97 34.74 29.55
C THR A 28 34.76 35.37 30.94
N PRO A 29 34.21 34.65 31.90
CA PRO A 29 33.72 33.29 31.70
C PRO A 29 32.43 33.39 30.90
N PRO A 30 31.90 32.26 30.40
CA PRO A 30 30.72 32.23 29.50
C PRO A 30 29.43 32.76 30.12
N GLN A 31 28.74 33.67 29.40
CA GLN A 31 27.41 34.18 29.77
C GLN A 31 26.42 33.53 28.80
N THR A 32 25.47 32.74 29.33
CA THR A 32 24.57 31.94 28.49
C THR A 32 23.27 32.63 28.16
N PHE A 33 22.85 32.39 26.91
CA PHE A 33 21.69 33.00 26.34
C PHE A 33 20.95 31.95 25.54
N LYS A 34 19.61 32.01 25.60
CA LYS A 34 18.79 31.22 24.71
C LYS A 34 18.57 32.01 23.43
N VAL A 35 18.79 31.36 22.31
CA VAL A 35 18.69 32.02 21.02
C VAL A 35 17.91 31.18 20.01
N VAL A 36 17.18 31.87 19.12
CA VAL A 36 16.72 31.31 17.85
C VAL A 36 17.88 31.32 16.81
N PHE A 37 18.10 30.19 16.15
CA PHE A 37 18.96 30.08 14.97
C PHE A 37 18.12 30.34 13.72
N ASP A 38 18.40 31.47 13.08
CA ASP A 38 17.49 32.12 12.14
C ASP A 38 18.11 32.22 10.75
N THR A 39 17.58 31.50 9.77
CA THR A 39 18.08 31.59 8.37
C THR A 39 17.63 32.86 7.60
N GLY A 40 16.69 33.64 8.15
CA GLY A 40 16.23 34.87 7.52
C GLY A 40 16.92 36.15 7.96
N SER A 41 18.03 36.01 8.67
CA SER A 41 18.80 37.13 9.09
C SER A 41 20.28 36.71 9.21
N SER A 42 21.16 37.70 9.23
CA SER A 42 22.63 37.48 9.22
C SER A 42 23.44 38.08 10.38
N ASN A 43 22.78 38.60 11.41
CA ASN A 43 23.46 39.22 12.56
C ASN A 43 23.21 38.44 13.82
N VAL A 44 24.18 38.40 14.74
CA VAL A 44 23.91 37.89 16.11
C VAL A 44 23.41 39.05 16.98
N TRP A 45 22.35 38.86 17.76
CA TRP A 45 21.84 39.90 18.65
C TRP A 45 21.60 39.35 20.05
N VAL A 46 22.10 40.00 21.09
CA VAL A 46 21.66 39.68 22.47
C VAL A 46 21.32 40.98 23.12
N PRO A 47 20.48 40.96 24.19
CA PRO A 47 20.18 42.22 24.94
C PRO A 47 21.40 42.73 25.71
N SER A 48 21.56 44.05 25.80
CA SER A 48 22.68 44.63 26.50
C SER A 48 22.34 44.96 27.96
N SER A 49 23.36 44.87 28.82
CA SER A 49 23.23 45.34 30.17
C SER A 49 23.04 46.85 30.13
N LYS A 50 23.34 47.47 29.00
CA LYS A 50 23.04 48.92 28.83
C LYS A 50 21.57 49.23 28.47
N CYS A 51 20.75 48.19 28.33
CA CYS A 51 19.32 48.37 28.09
C CYS A 51 18.60 48.87 29.33
N SER A 52 17.95 50.03 29.24
CA SER A 52 17.13 50.58 30.36
C SER A 52 16.11 49.59 30.94
N ARG A 53 15.96 49.54 32.26
CA ARG A 53 14.95 48.65 32.86
C ARG A 53 13.52 49.11 32.60
N LEU A 54 13.38 50.25 31.91
CA LEU A 54 12.07 50.65 31.43
C LEU A 54 11.78 50.10 30.04
N TYR A 55 12.55 49.09 29.60
CA TYR A 55 12.13 48.23 28.48
C TYR A 55 11.69 46.86 29.02
N THR A 56 10.42 46.51 28.82
CA THR A 56 9.88 45.25 29.29
C THR A 56 10.62 44.08 28.63
N ALA A 57 10.91 44.18 27.33
CA ALA A 57 11.70 43.18 26.62
C ALA A 57 13.07 42.97 27.25
N CYS A 58 13.60 43.98 27.93
CA CYS A 58 14.89 43.78 28.54
C CYS A 58 14.77 43.16 29.91
N VAL A 59 13.85 43.68 30.73
CA VAL A 59 13.59 43.17 32.10
C VAL A 59 13.42 41.66 32.18
N TYR A 60 12.66 41.09 31.23
CA TYR A 60 12.31 39.65 31.23
C TYR A 60 13.42 38.73 30.66
N HIS A 61 14.56 39.29 30.25
CA HIS A 61 15.56 38.53 29.50
C HIS A 61 16.96 38.63 30.12
N LYS A 62 17.86 37.71 29.79
CA LYS A 62 19.23 37.83 30.27
C LYS A 62 19.93 38.92 29.48
N LEU A 63 20.77 39.70 30.14
CA LEU A 63 21.50 40.81 29.51
C LEU A 63 23.01 40.53 29.43
N PHE A 64 23.60 40.77 28.27
CA PHE A 64 25.08 40.68 28.16
C PHE A 64 25.82 41.85 28.80
N ASP A 65 26.72 41.53 29.73
CA ASP A 65 27.53 42.54 30.40
C ASP A 65 28.99 42.40 30.00
N ALA A 66 29.46 43.39 29.25
CA ALA A 66 30.82 43.41 28.74
C ALA A 66 31.81 43.56 29.90
N SER A 67 31.37 44.30 30.94
CA SER A 67 32.21 44.57 32.11
C SER A 67 32.48 43.35 33.00
N ASP A 68 31.90 42.21 32.65
CA ASP A 68 32.23 40.91 33.24
C ASP A 68 33.04 39.97 32.38
N SER A 69 33.31 40.35 31.13
CA SER A 69 34.03 39.48 30.20
C SER A 69 35.44 39.97 30.01
N SER A 70 36.40 39.07 30.18
CA SER A 70 37.82 39.45 30.03
C SER A 70 38.24 39.40 28.56
N SER A 71 37.46 38.75 27.72
CA SER A 71 37.86 38.59 26.33
C SER A 71 37.17 39.55 25.37
N TYR A 72 36.37 40.47 25.93
CA TYR A 72 35.56 41.43 25.20
C TYR A 72 36.39 42.47 24.49
N LYS A 73 35.98 42.88 23.30
CA LYS A 73 36.71 43.93 22.58
C LYS A 73 35.71 44.97 22.07
N HIS A 74 35.85 46.19 22.56
N HIS A 74 35.86 46.19 22.55
CA HIS A 74 34.99 47.32 22.23
CA HIS A 74 34.94 47.27 22.21
C HIS A 74 34.97 47.56 20.71
C HIS A 74 34.95 47.48 20.70
N ASN A 75 33.81 47.94 20.18
CA ASN A 75 33.75 48.49 18.85
C ASN A 75 32.88 49.75 18.95
N GLY A 76 31.57 49.58 19.19
CA GLY A 76 30.69 50.72 19.53
C GLY A 76 29.88 51.32 18.40
N THR A 77 30.04 50.77 17.20
CA THR A 77 29.29 51.19 16.02
C THR A 77 27.81 50.88 16.21
N GLU A 78 26.98 51.89 15.97
CA GLU A 78 25.53 51.75 16.12
C GLU A 78 24.89 50.89 15.03
N LEU A 79 23.92 50.07 15.44
CA LEU A 79 23.23 49.11 14.56
C LEU A 79 21.74 49.28 14.73
N THR A 80 21.03 49.31 13.62
CA THR A 80 19.58 49.44 13.65
C THR A 80 18.86 48.44 12.79
N LEU A 81 17.80 47.85 13.33
CA LEU A 81 16.86 47.03 12.58
C LEU A 81 15.45 47.68 12.65
N ARG A 82 14.86 47.96 11.49
CA ARG A 82 13.51 48.52 11.49
C ARG A 82 12.46 47.41 11.41
N TYR A 83 12.08 46.87 12.56
CA TYR A 83 11.11 45.80 12.65
C TYR A 83 9.67 46.37 12.49
N SER A 84 8.63 45.52 12.47
CA SER A 84 7.22 45.93 12.25
C SER A 84 6.63 46.90 13.28
N THR A 85 6.80 46.52 14.55
CA THR A 85 6.34 47.28 15.71
C THR A 85 7.28 48.42 16.15
N GLY A 86 8.42 48.58 15.51
CA GLY A 86 9.36 49.63 15.88
C GLY A 86 10.80 49.19 15.68
N THR A 87 11.72 50.05 16.10
CA THR A 87 13.16 49.92 15.84
C THR A 87 13.83 49.13 16.94
N VAL A 88 14.69 48.20 16.54
CA VAL A 88 15.58 47.50 17.48
C VAL A 88 16.94 48.10 17.19
N SER A 89 17.58 48.69 18.20
CA SER A 89 18.91 49.22 17.92
C SER A 89 19.84 48.93 19.05
N GLY A 90 21.13 48.93 18.74
CA GLY A 90 22.13 48.74 19.75
C GLY A 90 23.50 49.12 19.19
N PHE A 91 24.52 48.37 19.61
CA PHE A 91 25.90 48.67 19.16
C PHE A 91 26.77 47.40 19.03
N LEU A 92 27.87 47.51 18.28
CA LEU A 92 28.65 46.32 17.97
C LEU A 92 29.64 46.06 19.07
N SER A 93 29.86 44.79 19.37
CA SER A 93 30.86 44.35 20.32
C SER A 93 31.47 43.06 19.76
N GLN A 94 32.68 42.72 20.17
CA GLN A 94 33.28 41.44 19.75
C GLN A 94 33.55 40.62 21.00
N ASP A 95 33.26 39.31 20.97
CA ASP A 95 33.69 38.46 22.08
C ASP A 95 33.72 37.07 21.55
N ILE A 96 34.14 36.15 22.40
CA ILE A 96 34.18 34.73 22.07
C ILE A 96 32.82 34.07 22.33
N ILE A 97 32.29 33.42 21.29
CA ILE A 97 30.99 32.73 21.37
C ILE A 97 31.12 31.23 21.14
N THR A 98 30.53 30.46 22.07
CA THR A 98 30.49 28.99 21.98
C THR A 98 29.13 28.49 21.53
N VAL A 99 29.13 27.55 20.58
CA VAL A 99 27.91 26.94 20.02
C VAL A 99 28.21 25.44 19.91
N GLY A 100 27.57 24.64 20.74
CA GLY A 100 27.82 23.19 20.79
C GLY A 100 29.28 22.78 20.62
N GLY A 101 30.19 23.31 21.43
CA GLY A 101 31.57 22.79 21.32
C GLY A 101 32.44 23.37 20.21
N ILE A 102 31.90 24.31 19.44
CA ILE A 102 32.71 25.14 18.56
C ILE A 102 32.86 26.50 19.24
N THR A 103 34.05 27.08 19.17
CA THR A 103 34.32 28.39 19.75
C THR A 103 34.83 29.34 18.68
N VAL A 104 34.24 30.54 18.63
CA VAL A 104 34.51 31.52 17.58
C VAL A 104 34.46 32.97 18.08
N THR A 105 35.47 33.76 17.70
CA THR A 105 35.53 35.19 17.95
C THR A 105 34.55 35.90 17.01
N GLN A 106 33.51 36.51 17.58
CA GLN A 106 32.39 36.93 16.76
C GLN A 106 31.99 38.39 17.10
N MET A 107 31.73 39.19 16.06
CA MET A 107 31.06 40.49 16.25
C MET A 107 29.53 40.31 16.34
N PHE A 108 28.93 40.88 17.39
CA PHE A 108 27.51 40.69 17.62
C PHE A 108 26.93 42.04 18.06
N GLY A 109 25.61 42.23 17.92
CA GLY A 109 24.93 43.45 18.41
C GLY A 109 24.37 43.32 19.82
N GLU A 110 24.60 44.35 20.62
CA GLU A 110 24.08 44.42 21.95
C GLU A 110 22.88 45.34 21.87
N VAL A 111 21.68 44.82 22.08
CA VAL A 111 20.44 45.64 22.02
C VAL A 111 20.20 46.54 23.27
N THR A 112 20.06 47.84 23.03
CA THR A 112 19.72 48.85 24.04
C THR A 112 18.29 49.38 24.00
N GLU A 113 17.59 49.19 22.88
CA GLU A 113 16.17 49.48 22.80
C GLU A 113 15.46 48.59 21.77
N MET A 114 14.19 48.29 22.05
CA MET A 114 13.30 47.54 21.20
C MET A 114 11.88 47.66 21.73
N PRO A 115 10.90 47.40 20.85
CA PRO A 115 9.47 47.41 21.24
C PRO A 115 9.13 46.30 22.22
N ALA A 116 8.09 46.51 23.03
CA ALA A 116 7.64 45.50 23.99
C ALA A 116 7.02 44.32 23.27
N LEU A 117 6.38 44.57 22.13
CA LEU A 117 5.80 43.49 21.34
C LEU A 117 6.54 43.38 20.01
N PRO A 118 6.85 42.15 19.60
CA PRO A 118 6.53 40.92 20.30
C PRO A 118 7.56 40.47 21.34
N PHE A 119 8.63 41.24 21.47
CA PHE A 119 9.84 40.80 22.18
C PHE A 119 9.70 40.40 23.65
N MET A 120 8.77 41.01 24.37
CA MET A 120 8.55 40.59 25.77
C MET A 120 7.90 39.19 25.87
N LEU A 121 7.25 38.74 24.79
CA LEU A 121 6.63 37.41 24.70
C LEU A 121 7.59 36.27 24.30
N ALA A 122 8.77 36.64 23.82
CA ALA A 122 9.83 35.70 23.45
C ALA A 122 10.31 34.94 24.68
N GLU A 123 10.31 33.60 24.63
CA GLU A 123 10.87 32.80 25.75
C GLU A 123 12.41 32.75 25.71
N PHE A 124 12.99 33.14 24.59
CA PHE A 124 14.43 33.20 24.36
C PHE A 124 14.97 34.66 24.48
N ASP A 125 16.29 34.81 24.63
CA ASP A 125 16.93 36.09 24.83
C ASP A 125 17.43 36.74 23.55
N GLY A 126 17.91 35.93 22.60
CA GLY A 126 18.54 36.53 21.44
C GLY A 126 18.34 35.77 20.16
N VAL A 127 19.16 36.13 19.18
N VAL A 127 19.13 36.12 19.15
CA VAL A 127 19.08 35.61 17.83
CA VAL A 127 19.00 35.50 17.83
C VAL A 127 20.50 35.33 17.34
C VAL A 127 20.36 35.39 17.16
N VAL A 128 20.69 34.21 16.65
CA VAL A 128 21.94 33.97 15.91
C VAL A 128 21.51 33.86 14.42
N GLY A 129 21.80 34.88 13.61
CA GLY A 129 21.44 34.85 12.19
C GLY A 129 22.33 33.89 11.42
N MET A 130 21.71 32.96 10.71
CA MET A 130 22.48 31.96 9.95
C MET A 130 22.51 32.29 8.45
N GLY A 131 22.22 33.56 8.13
CA GLY A 131 22.19 34.05 6.74
C GLY A 131 23.55 34.51 6.26
N PHE A 132 23.61 35.10 5.06
CA PHE A 132 24.88 35.47 4.40
C PHE A 132 25.32 36.92 4.65
N ILE A 133 26.62 37.20 4.46
CA ILE A 133 27.14 38.56 4.62
C ILE A 133 26.36 39.62 3.79
N GLU A 134 25.86 39.22 2.63
CA GLU A 134 25.08 40.12 1.77
C GLU A 134 23.92 40.84 2.49
N GLN A 135 23.26 40.16 3.43
CA GLN A 135 22.16 40.81 4.15
C GLN A 135 22.51 41.22 5.59
N ALA A 136 23.80 41.26 5.91
CA ALA A 136 24.25 41.59 7.27
C ALA A 136 24.22 43.09 7.47
N ILE A 137 23.49 43.53 8.50
CA ILE A 137 23.46 44.95 8.89
C ILE A 137 24.89 45.36 9.26
N GLY A 138 25.37 46.41 8.59
CA GLY A 138 26.73 46.90 8.77
C GLY A 138 27.80 46.04 8.13
N ARG A 139 27.38 45.09 7.31
CA ARG A 139 28.27 44.08 6.70
C ARG A 139 29.15 43.32 7.71
N VAL A 140 28.60 43.05 8.89
CA VAL A 140 29.33 42.30 9.90
C VAL A 140 29.42 40.84 9.42
N THR A 141 30.64 40.28 9.41
CA THR A 141 30.84 38.87 9.04
C THR A 141 29.96 37.99 9.93
N PRO A 142 29.05 37.21 9.34
CA PRO A 142 28.12 36.36 10.11
C PRO A 142 28.81 35.14 10.71
N ILE A 143 28.20 34.57 11.75
CA ILE A 143 28.80 33.50 12.54
C ILE A 143 29.18 32.25 11.77
N PHE A 144 28.33 31.82 10.84
CA PHE A 144 28.64 30.59 10.12
C PHE A 144 29.79 30.77 9.13
N ASP A 145 29.95 31.98 8.56
CA ASP A 145 31.16 32.40 7.84
C ASP A 145 32.45 32.24 8.65
N ASN A 146 32.43 32.68 9.90
CA ASN A 146 33.58 32.57 10.78
C ASN A 146 33.86 31.11 11.23
N ILE A 147 32.84 30.26 11.21
CA ILE A 147 32.99 28.80 11.45
C ILE A 147 33.58 28.06 10.21
N ILE A 148 33.09 28.39 9.02
CA ILE A 148 33.66 27.89 7.77
C ILE A 148 35.16 28.22 7.66
N SER A 149 35.53 29.44 8.03
CA SER A 149 36.94 29.89 7.98
C SER A 149 37.90 29.17 8.97
N GLN A 150 37.35 28.44 9.94
CA GLN A 150 38.16 27.72 10.91
C GLN A 150 38.64 26.37 10.38
N GLY A 151 38.02 25.92 9.29
CA GLY A 151 38.36 24.65 8.65
C GLY A 151 37.77 23.36 9.23
N VAL A 152 37.11 23.46 10.39
CA VAL A 152 36.83 22.29 11.25
C VAL A 152 35.62 21.41 10.91
N LEU A 153 34.62 21.94 10.21
CA LEU A 153 33.41 21.16 9.91
C LEU A 153 33.66 20.09 8.84
N LYS A 154 32.97 18.96 9.00
CA LYS A 154 32.97 17.87 8.02
C LYS A 154 32.38 18.29 6.65
N GLU A 155 31.35 19.12 6.69
CA GLU A 155 30.75 19.65 5.46
C GLU A 155 30.32 21.09 5.77
N ASP A 156 30.39 21.98 4.79
CA ASP A 156 29.96 23.34 5.05
C ASP A 156 28.43 23.44 4.93
N VAL A 157 27.75 22.67 5.77
CA VAL A 157 26.28 22.64 5.86
C VAL A 157 25.83 22.74 7.32
N PHE A 158 24.58 23.13 7.53
CA PHE A 158 23.96 23.02 8.85
C PHE A 158 22.52 22.58 8.66
N SER A 159 21.92 21.89 9.62
CA SER A 159 20.56 21.43 9.37
C SER A 159 19.63 21.54 10.58
N PHE A 160 18.33 21.65 10.30
CA PHE A 160 17.35 21.80 11.39
C PHE A 160 16.36 20.66 11.52
N TYR A 161 16.11 20.29 12.75
CA TYR A 161 15.01 19.40 13.10
C TYR A 161 14.10 20.11 14.11
N TYR A 162 12.82 20.27 13.78
CA TYR A 162 11.83 20.88 14.70
C TYR A 162 10.78 19.81 15.00
N ASN A 163 10.60 19.43 16.27
CA ASN A 163 9.54 18.45 16.66
C ASN A 163 8.16 19.08 16.81
N ARG A 164 7.14 18.23 16.84
CA ARG A 164 5.78 18.61 17.19
C ARG A 164 5.68 18.69 18.71
N ASP A 165 4.73 19.47 19.20
CA ASP A 165 4.63 19.70 20.64
C ASP A 165 4.17 18.43 21.39
N SER A 166 4.52 18.34 22.67
CA SER A 166 4.24 17.16 23.50
C SER A 166 3.13 17.40 24.55
N SER A 171 11.04 14.52 25.90
CA SER A 171 10.87 14.78 24.47
C SER A 171 11.84 15.85 23.98
N LEU A 172 12.52 15.58 22.86
CA LEU A 172 13.43 16.53 22.22
C LEU A 172 12.62 17.56 21.40
N GLY A 173 12.72 18.84 21.75
CA GLY A 173 12.03 19.92 21.00
C GLY A 173 12.55 20.17 19.59
N GLY A 174 13.84 19.93 19.38
CA GLY A 174 14.45 20.14 18.08
C GLY A 174 15.94 19.96 18.19
N GLN A 175 16.62 20.06 17.06
CA GLN A 175 18.07 19.98 17.07
C GLN A 175 18.62 20.72 15.87
N ILE A 176 19.69 21.48 16.08
CA ILE A 176 20.46 22.04 14.96
C ILE A 176 21.80 21.30 14.90
N VAL A 177 22.20 20.87 13.71
CA VAL A 177 23.50 20.25 13.56
C VAL A 177 24.37 21.13 12.69
N LEU A 178 25.58 21.48 13.16
CA LEU A 178 26.58 22.17 12.35
C LEU A 178 27.54 21.15 11.74
N GLY A 179 27.71 21.20 10.43
CA GLY A 179 28.63 20.31 9.75
C GLY A 179 28.05 19.05 9.14
N GLY A 180 26.73 18.94 9.17
CA GLY A 180 26.09 17.73 8.66
C GLY A 180 24.62 17.68 9.00
N SER A 181 24.07 16.47 8.97
CA SER A 181 22.69 16.18 9.32
C SER A 181 22.70 15.00 10.25
N ASP A 182 21.56 14.75 10.90
CA ASP A 182 21.41 13.60 11.81
C ASP A 182 20.37 12.64 11.24
N PRO A 183 20.79 11.48 10.68
CA PRO A 183 19.85 10.57 10.00
C PRO A 183 18.73 10.07 10.88
N GLN A 184 18.94 10.04 12.20
CA GLN A 184 17.94 9.56 13.15
C GLN A 184 16.66 10.41 13.15
N HIS A 185 16.71 11.56 12.47
CA HIS A 185 15.61 12.52 12.53
C HIS A 185 14.90 12.78 11.21
N TYR A 186 15.31 12.08 10.17
CA TYR A 186 14.58 12.10 8.91
C TYR A 186 14.62 10.71 8.30
N GLU A 187 13.82 10.50 7.25
CA GLU A 187 13.79 9.22 6.59
C GLU A 187 13.95 9.41 5.09
N GLY A 188 14.46 8.39 4.41
CA GLY A 188 14.73 8.52 2.99
C GLY A 188 15.86 9.48 2.72
N ASN A 189 15.84 10.13 1.56
CA ASN A 189 16.97 10.94 1.16
C ASN A 189 16.56 12.39 0.90
N PHE A 190 17.53 13.29 0.89
CA PHE A 190 17.26 14.71 0.65
C PHE A 190 16.94 14.95 -0.81
N HIS A 191 16.13 15.96 -1.04
CA HIS A 191 15.90 16.50 -2.37
C HIS A 191 16.32 17.95 -2.30
N TYR A 192 17.12 18.39 -3.26
CA TYR A 192 17.76 19.71 -3.20
C TYR A 192 17.14 20.75 -4.12
N ILE A 193 17.25 22.02 -3.75
CA ILE A 193 16.91 23.11 -4.66
C ILE A 193 17.98 24.18 -4.58
N ASN A 194 18.44 24.65 -5.74
CA ASN A 194 19.39 25.74 -5.83
C ASN A 194 18.77 27.06 -5.37
N LEU A 195 19.56 27.83 -4.64
CA LEU A 195 19.22 29.21 -4.30
C LEU A 195 19.05 29.99 -5.59
N ILE A 196 18.18 30.99 -5.61
CA ILE A 196 18.04 31.87 -6.77
C ILE A 196 19.35 32.59 -7.02
N LYS A 197 19.96 33.00 -5.91
CA LYS A 197 21.29 33.61 -5.88
C LYS A 197 21.82 33.53 -4.46
N THR A 198 23.13 33.40 -4.31
CA THR A 198 23.78 33.49 -3.00
C THR A 198 23.51 34.86 -2.38
N GLY A 199 23.50 34.92 -1.06
CA GLY A 199 23.17 36.14 -0.36
C GLY A 199 22.01 35.91 0.57
N VAL A 200 21.10 35.02 0.16
CA VAL A 200 19.84 34.78 0.89
C VAL A 200 19.39 33.30 0.74
N TRP A 201 18.78 32.75 1.80
CA TRP A 201 18.25 31.39 1.74
C TRP A 201 16.84 31.37 1.14
N GLN A 202 16.76 31.66 -0.15
CA GLN A 202 15.51 31.86 -0.88
C GLN A 202 15.58 31.02 -2.15
N ILE A 203 14.50 30.28 -2.43
CA ILE A 203 14.39 29.38 -3.60
C ILE A 203 13.15 29.75 -4.46
N GLN A 204 13.08 29.20 -5.68
CA GLN A 204 11.89 29.36 -6.51
C GLN A 204 10.81 28.34 -6.10
N MET A 205 9.57 28.82 -6.02
CA MET A 205 8.42 27.96 -5.81
C MET A 205 7.53 28.05 -7.05
N LYS A 206 7.09 26.91 -7.53
CA LYS A 206 6.40 26.85 -8.83
C LYS A 206 4.89 26.71 -8.71
N GLY A 207 4.40 26.59 -7.48
CA GLY A 207 2.97 26.47 -7.26
C GLY A 207 2.59 26.09 -5.85
N VAL A 208 1.48 26.68 -5.40
CA VAL A 208 0.80 26.25 -4.18
C VAL A 208 -0.60 25.70 -4.54
N SER A 209 -0.87 24.48 -4.08
CA SER A 209 -2.15 23.82 -4.32
C SER A 209 -2.99 23.65 -3.06
N VAL A 210 -4.29 23.93 -3.19
CA VAL A 210 -5.30 23.47 -2.24
C VAL A 210 -5.96 22.23 -2.85
N GLY A 211 -5.89 21.11 -2.14
CA GLY A 211 -6.36 19.83 -2.69
C GLY A 211 -5.45 19.32 -3.81
N SER A 212 -6.03 18.98 -4.95
CA SER A 212 -5.25 18.45 -6.08
C SER A 212 -5.03 19.42 -7.26
N SER A 213 -5.69 20.58 -7.23
CA SER A 213 -5.52 21.59 -8.28
C SER A 213 -4.69 22.80 -7.82
N THR A 214 -3.80 23.29 -8.70
CA THR A 214 -2.91 24.41 -8.37
C THR A 214 -3.66 25.73 -8.22
N LEU A 215 -3.79 26.17 -6.97
CA LEU A 215 -4.58 27.33 -6.64
C LEU A 215 -3.81 28.62 -6.96
N LEU A 216 -2.57 28.71 -6.46
CA LEU A 216 -1.78 29.93 -6.45
C LEU A 216 -0.37 29.75 -6.98
N CYS A 217 0.30 30.88 -7.17
CA CYS A 217 1.71 30.97 -7.57
C CYS A 217 1.88 30.29 -8.92
N GLU A 218 0.93 30.58 -9.81
CA GLU A 218 0.82 29.97 -11.14
C GLU A 218 2.07 30.17 -12.01
N ASP A 219 2.44 31.42 -12.23
CA ASP A 219 3.67 31.73 -12.96
C ASP A 219 4.90 31.92 -12.04
N GLY A 220 4.98 31.13 -10.98
CA GLY A 220 6.15 31.12 -10.10
C GLY A 220 6.21 32.28 -9.10
N CYS A 221 6.99 32.06 -8.05
CA CYS A 221 7.19 33.04 -6.98
C CYS A 221 8.42 32.68 -6.13
N LEU A 222 8.55 33.30 -4.97
CA LEU A 222 9.75 33.09 -4.17
C LEU A 222 9.38 32.49 -2.82
N ALA A 223 10.28 31.64 -2.30
CA ALA A 223 10.12 31.03 -0.97
C ALA A 223 11.39 31.24 -0.14
N LEU A 224 11.29 32.09 0.87
CA LEU A 224 12.33 32.24 1.85
C LEU A 224 12.19 31.09 2.85
N VAL A 225 13.29 30.41 3.16
CA VAL A 225 13.26 29.30 4.11
C VAL A 225 13.84 29.84 5.41
N ASP A 226 12.94 30.23 6.33
CA ASP A 226 13.27 31.05 7.50
C ASP A 226 12.99 30.28 8.76
N THR A 227 14.04 29.75 9.38
CA THR A 227 13.90 28.92 10.61
C THR A 227 13.44 29.77 11.78
N GLY A 228 13.54 31.08 11.61
CA GLY A 228 13.21 32.01 12.66
C GLY A 228 11.79 32.53 12.57
N ALA A 229 11.07 32.10 11.52
CA ALA A 229 9.64 32.41 11.39
C ALA A 229 8.87 31.28 12.03
N SER A 230 7.82 31.64 12.78
CA SER A 230 6.91 30.67 13.42
C SER A 230 6.01 29.92 12.42
N TYR A 231 5.53 30.64 11.39
CA TYR A 231 4.50 30.17 10.48
C TYR A 231 4.97 30.09 9.01
N ILE A 232 4.14 29.50 8.18
CA ILE A 232 4.18 29.79 6.74
C ILE A 232 3.51 31.13 6.49
N SER A 233 4.20 32.03 5.80
CA SER A 233 3.62 33.31 5.38
C SER A 233 3.66 33.53 3.87
N GLY A 234 2.64 34.26 3.40
CA GLY A 234 2.56 34.74 2.04
C GLY A 234 2.10 36.19 2.08
N SER A 235 2.07 36.83 0.92
CA SER A 235 1.63 38.22 0.81
C SER A 235 0.19 38.29 1.24
N THR A 236 -0.23 39.45 1.76
CA THR A 236 -1.62 39.69 2.12
C THR A 236 -2.63 39.21 1.05
N SER A 237 -2.32 39.43 -0.23
CA SER A 237 -3.26 39.04 -1.30
C SER A 237 -3.30 37.55 -1.64
N SER A 238 -2.15 36.87 -1.55
CA SER A 238 -2.10 35.38 -1.68
C SER A 238 -2.73 34.65 -0.50
N ILE A 239 -2.53 35.18 0.70
CA ILE A 239 -3.11 34.58 1.88
C ILE A 239 -4.64 34.74 1.89
N GLU A 240 -5.14 35.89 1.43
CA GLU A 240 -6.60 36.08 1.27
C GLU A 240 -7.21 34.96 0.44
N LYS A 241 -6.59 34.68 -0.70
CA LYS A 241 -7.06 33.65 -1.64
C LYS A 241 -6.93 32.23 -1.07
N LEU A 242 -5.82 31.94 -0.40
CA LEU A 242 -5.67 30.63 0.29
C LEU A 242 -6.77 30.40 1.34
N MET A 243 -7.09 31.44 2.10
CA MET A 243 -8.04 31.39 3.20
C MET A 243 -9.50 31.42 2.74
N GLU A 244 -9.76 32.06 1.61
CA GLU A 244 -11.05 31.92 0.91
C GLU A 244 -11.25 30.44 0.55
N ALA A 245 -10.23 29.86 -0.10
CA ALA A 245 -10.22 28.45 -0.51
C ALA A 245 -10.33 27.44 0.63
N LEU A 246 -9.79 27.79 1.80
CA LEU A 246 -9.88 26.95 3.00
C LEU A 246 -11.16 27.20 3.82
N GLY A 247 -11.86 28.28 3.47
CA GLY A 247 -13.03 28.72 4.22
C GLY A 247 -12.75 29.28 5.61
N ALA A 248 -11.59 29.92 5.78
CA ALA A 248 -11.16 30.44 7.08
C ALA A 248 -11.50 31.93 7.22
N LYS A 249 -11.71 32.37 8.47
CA LYS A 249 -12.13 33.73 8.77
C LYS A 249 -10.97 34.57 9.30
N LYS A 250 -10.87 35.79 8.76
CA LYS A 250 -9.86 36.76 9.17
C LYS A 250 -10.16 37.36 10.53
N ARG A 251 -9.29 37.07 11.49
CA ARG A 251 -9.27 37.84 12.73
C ARG A 251 -8.23 38.97 12.60
N LEU A 252 -7.94 39.68 13.69
CA LEU A 252 -7.07 40.86 13.60
C LEU A 252 -5.59 40.53 13.40
N PHE A 253 -5.14 39.43 14.01
CA PHE A 253 -3.73 39.02 13.93
C PHE A 253 -3.54 37.56 13.50
N ASP A 254 -4.62 36.93 13.01
CA ASP A 254 -4.61 35.53 12.56
C ASP A 254 -5.83 35.14 11.72
N TYR A 255 -5.85 33.89 11.26
CA TYR A 255 -7.02 33.31 10.60
C TYR A 255 -7.54 32.12 11.38
N VAL A 256 -8.86 31.94 11.39
CA VAL A 256 -9.51 30.89 12.18
C VAL A 256 -10.56 30.11 11.41
N VAL A 257 -10.77 28.86 11.83
CA VAL A 257 -11.88 28.02 11.36
C VAL A 257 -12.65 27.47 12.58
N LYS A 258 -13.92 27.11 12.41
CA LYS A 258 -14.65 26.43 13.49
C LYS A 258 -13.89 25.13 13.75
N CYS A 259 -13.67 24.80 15.01
CA CYS A 259 -12.76 23.70 15.36
C CYS A 259 -13.08 22.33 14.77
N ASN A 260 -14.37 22.08 14.55
CA ASN A 260 -14.86 20.80 14.05
C ASN A 260 -14.66 20.65 12.53
N GLU A 261 -14.44 21.77 11.86
CA GLU A 261 -14.05 21.79 10.44
C GLU A 261 -12.56 21.51 10.25
N GLY A 262 -11.81 21.64 11.33
CA GLY A 262 -10.36 21.43 11.30
C GLY A 262 -9.87 20.19 10.61
N PRO A 263 -10.23 19.00 11.11
CA PRO A 263 -9.75 17.75 10.52
C PRO A 263 -10.13 17.49 9.06
N THR A 264 -11.19 18.12 8.58
CA THR A 264 -11.62 17.91 7.20
C THR A 264 -11.09 18.92 6.16
N LEU A 265 -10.24 19.86 6.57
CA LEU A 265 -9.66 20.84 5.62
C LEU A 265 -8.72 20.19 4.60
N PRO A 266 -8.63 20.76 3.39
CA PRO A 266 -7.76 20.23 2.34
C PRO A 266 -6.28 20.17 2.68
N ASP A 267 -5.58 19.19 2.10
CA ASP A 267 -4.12 19.21 1.99
C ASP A 267 -3.66 20.48 1.28
N ILE A 268 -2.54 21.06 1.73
CA ILE A 268 -1.87 22.14 1.00
C ILE A 268 -0.48 21.69 0.55
N SER A 269 -0.17 21.98 -0.70
CA SER A 269 1.05 21.51 -1.32
C SER A 269 1.94 22.63 -1.87
N PHE A 270 3.23 22.54 -1.58
CA PHE A 270 4.22 23.46 -2.08
C PHE A 270 5.12 22.75 -3.11
N HIS A 271 5.21 23.33 -4.29
CA HIS A 271 5.97 22.77 -5.41
C HIS A 271 7.35 23.41 -5.44
N LEU A 272 8.36 22.63 -5.07
CA LEU A 272 9.71 23.15 -4.88
C LEU A 272 10.70 22.15 -5.47
N GLY A 273 11.49 22.62 -6.43
CA GLY A 273 12.37 21.72 -7.19
C GLY A 273 11.53 20.66 -7.88
N GLY A 274 11.84 19.40 -7.64
CA GLY A 274 11.08 18.33 -8.29
C GLY A 274 10.10 17.53 -7.44
N LYS A 275 9.49 18.17 -6.43
CA LYS A 275 8.58 17.51 -5.49
C LYS A 275 7.49 18.46 -5.02
N GLU A 276 6.34 17.90 -4.67
CA GLU A 276 5.26 18.63 -4.00
C GLU A 276 5.39 18.25 -2.55
N TYR A 277 5.55 19.26 -1.71
CA TYR A 277 5.68 19.06 -0.30
C TYR A 277 4.31 19.35 0.25
N THR A 278 3.72 18.36 0.88
CA THR A 278 2.32 18.36 1.29
C THR A 278 2.16 18.53 2.79
N LEU A 279 1.29 19.46 3.19
CA LEU A 279 0.84 19.60 4.58
C LEU A 279 -0.65 19.27 4.68
N THR A 280 -0.99 18.36 5.58
CA THR A 280 -2.39 18.03 5.83
C THR A 280 -2.89 18.99 6.91
N SER A 281 -4.20 19.07 7.14
CA SER A 281 -4.73 19.94 8.19
C SER A 281 -4.06 19.70 9.54
N ALA A 282 -3.61 18.47 9.79
CA ALA A 282 -2.87 18.12 11.02
C ALA A 282 -1.53 18.85 11.15
N ASP A 283 -1.01 19.36 10.03
CA ASP A 283 0.24 20.10 9.99
C ASP A 283 0.04 21.62 10.06
N TYR A 284 -1.14 22.10 9.75
CA TYR A 284 -1.30 23.54 9.76
C TYR A 284 -2.48 24.07 10.61
N VAL A 285 -3.22 23.20 11.28
CA VAL A 285 -4.31 23.68 12.14
C VAL A 285 -3.94 23.45 13.58
N PHE A 286 -4.16 24.46 14.41
CA PHE A 286 -3.99 24.33 15.87
C PHE A 286 -5.29 23.83 16.47
N GLN A 287 -5.38 22.52 16.62
CA GLN A 287 -6.59 21.81 17.02
C GLN A 287 -6.70 21.77 18.53
N GLU A 288 -7.14 22.88 19.10
CA GLU A 288 -7.17 23.02 20.55
C GLU A 288 -8.47 22.47 21.10
N SER A 289 -9.36 22.11 20.20
CA SER A 289 -10.68 21.61 20.57
C SER A 289 -11.22 20.94 19.29
N TYR A 290 -12.28 20.14 19.41
CA TYR A 290 -12.98 19.62 18.22
C TYR A 290 -14.43 20.14 18.14
N SER A 291 -14.74 21.11 18.99
CA SER A 291 -16.08 21.63 19.15
C SER A 291 -16.43 22.62 18.04
N SER A 292 -17.71 22.64 17.68
CA SER A 292 -18.26 23.62 16.75
C SER A 292 -18.49 24.98 17.40
N LYS A 293 -18.52 25.02 18.74
CA LYS A 293 -18.68 26.30 19.46
C LYS A 293 -17.35 27.04 19.71
N LYS A 294 -16.25 26.57 19.12
CA LYS A 294 -14.93 27.18 19.34
C LYS A 294 -14.18 27.39 18.03
N LEU A 295 -13.21 28.32 18.05
CA LEU A 295 -12.49 28.68 16.83
C LEU A 295 -11.01 28.30 16.94
N CYS A 296 -10.49 27.74 15.85
CA CYS A 296 -9.14 27.21 15.79
C CYS A 296 -8.25 28.02 14.87
N THR A 297 -7.09 28.41 15.38
CA THR A 297 -6.12 29.23 14.63
C THR A 297 -5.34 28.36 13.65
N LEU A 298 -4.98 28.95 12.52
CA LEU A 298 -4.16 28.30 11.52
C LEU A 298 -2.69 28.77 11.58
N ALA A 299 -1.77 27.83 11.36
CA ALA A 299 -0.34 28.07 11.38
C ALA A 299 0.14 28.67 10.05
N ILE A 300 -0.74 29.47 9.44
CA ILE A 300 -0.46 30.25 8.22
C ILE A 300 -0.95 31.69 8.40
N HIS A 301 -0.08 32.66 8.11
CA HIS A 301 -0.35 34.07 8.37
C HIS A 301 0.13 34.95 7.21
N ALA A 302 -0.52 36.09 7.00
CA ALA A 302 -0.07 37.06 5.99
C ALA A 302 1.07 37.92 6.52
N MET A 303 2.12 38.07 5.71
CA MET A 303 3.22 39.00 5.97
C MET A 303 3.73 39.60 4.66
N ASP A 304 3.64 40.92 4.55
CA ASP A 304 4.22 41.62 3.40
C ASP A 304 5.71 41.88 3.67
N ILE A 305 6.56 41.07 3.07
CA ILE A 305 7.98 41.20 3.33
C ILE A 305 8.56 42.21 2.35
N PRO A 306 9.21 43.26 2.87
CA PRO A 306 9.67 44.39 2.07
C PRO A 306 10.93 44.07 1.30
N PRO A 307 11.12 44.71 0.14
CA PRO A 307 12.37 44.61 -0.63
C PRO A 307 13.61 44.89 0.24
N PRO A 308 14.79 44.41 -0.16
CA PRO A 308 14.99 43.69 -1.42
C PRO A 308 14.57 42.20 -1.43
N THR A 309 14.56 41.54 -0.27
CA THR A 309 14.24 40.11 -0.21
C THR A 309 12.78 39.72 -0.57
N GLY A 310 11.84 40.59 -0.24
CA GLY A 310 10.43 40.38 -0.60
C GLY A 310 10.04 41.33 -1.73
N PRO A 311 8.79 41.29 -2.21
CA PRO A 311 7.76 40.29 -1.83
C PRO A 311 8.07 38.79 -2.00
N THR A 312 7.64 37.99 -1.03
CA THR A 312 8.02 36.60 -0.98
C THR A 312 7.16 35.80 0.02
N TRP A 313 7.02 34.51 -0.21
CA TRP A 313 6.50 33.60 0.80
C TRP A 313 7.63 33.35 1.80
N ALA A 314 7.28 32.89 3.01
CA ALA A 314 8.26 32.40 3.95
C ALA A 314 7.83 31.04 4.48
N LEU A 315 8.74 30.07 4.39
CA LEU A 315 8.47 28.74 4.95
C LEU A 315 9.09 28.65 6.34
N GLY A 316 8.28 28.80 7.39
CA GLY A 316 8.79 28.85 8.74
C GLY A 316 8.75 27.49 9.40
N ALA A 317 8.42 27.44 10.68
CA ALA A 317 8.47 26.22 11.46
C ALA A 317 7.31 25.29 11.11
N THR A 318 6.15 25.87 10.76
CA THR A 318 5.06 25.07 10.22
C THR A 318 5.57 24.08 9.14
N PHE A 319 6.42 24.57 8.24
CA PHE A 319 6.92 23.77 7.14
C PHE A 319 8.06 22.87 7.60
N ILE A 320 8.99 23.48 8.34
CA ILE A 320 10.19 22.79 8.86
C ILE A 320 9.92 21.61 9.80
N ARG A 321 8.86 21.73 10.63
CA ARG A 321 8.39 20.58 11.43
C ARG A 321 8.20 19.32 10.58
N LYS A 322 7.49 19.40 9.46
CA LYS A 322 7.28 18.19 8.64
C LYS A 322 8.52 17.74 7.85
N PHE A 323 9.28 18.71 7.34
CA PHE A 323 10.44 18.49 6.46
C PHE A 323 11.75 18.97 7.07
N TYR A 324 12.56 18.00 7.45
CA TYR A 324 13.91 18.20 7.95
C TYR A 324 14.71 18.98 6.89
N THR A 325 15.42 20.03 7.31
CA THR A 325 16.00 20.97 6.33
C THR A 325 17.52 21.06 6.47
N GLU A 326 18.25 20.94 5.36
CA GLU A 326 19.70 21.15 5.38
C GLU A 326 20.08 22.35 4.52
N PHE A 327 20.91 23.22 5.09
CA PHE A 327 21.34 24.45 4.47
C PHE A 327 22.78 24.27 4.07
N ASP A 328 23.02 24.34 2.77
CA ASP A 328 24.30 23.93 2.20
C ASP A 328 25.02 25.14 1.58
N ARG A 329 26.05 25.62 2.28
CA ARG A 329 26.83 26.80 1.84
C ARG A 329 27.81 26.47 0.74
N ARG A 330 28.39 25.26 0.81
CA ARG A 330 29.32 24.73 -0.18
C ARG A 330 28.76 24.77 -1.62
N ASN A 331 27.52 24.30 -1.74
CA ASN A 331 26.85 24.13 -3.02
C ASN A 331 25.69 25.12 -3.28
N ASN A 332 25.48 26.06 -2.34
CA ASN A 332 24.37 27.02 -2.41
C ASN A 332 23.02 26.40 -2.74
N ARG A 333 22.58 25.47 -1.89
CA ARG A 333 21.29 24.83 -2.05
C ARG A 333 20.68 24.51 -0.70
N ILE A 334 19.39 24.13 -0.73
CA ILE A 334 18.65 23.67 0.43
C ILE A 334 18.11 22.26 0.16
N GLY A 335 18.35 21.34 1.09
CA GLY A 335 17.81 20.00 0.98
C GLY A 335 16.67 19.78 1.95
N PHE A 336 15.64 19.09 1.48
CA PHE A 336 14.51 18.69 2.34
C PHE A 336 14.41 17.18 2.45
N ALA A 337 14.17 16.69 3.67
CA ALA A 337 13.81 15.28 3.87
C ALA A 337 12.64 15.15 4.86
N LEU A 338 11.86 14.09 4.77
CA LEU A 338 10.70 13.94 5.66
C LEU A 338 11.20 13.64 7.07
N ALA A 339 10.78 14.47 8.03
CA ALA A 339 11.21 14.33 9.41
C ALA A 339 10.61 13.10 10.05
N ARG A 340 11.42 12.40 10.83
CA ARG A 340 10.97 11.33 11.69
C ARG A 340 10.64 11.93 13.03
N HIS A 341 9.41 11.67 13.48
CA HIS A 341 8.98 12.04 14.81
C HIS A 341 8.67 10.72 15.53
N LEU B 1 -6.44 -45.64 -37.10
CA LEU B 1 -7.70 -46.19 -37.62
C LEU B 1 -8.47 -46.76 -36.46
N THR B 2 -9.79 -46.67 -36.57
CA THR B 2 -10.69 -47.04 -35.49
C THR B 2 -11.88 -47.82 -36.06
N LEU B 3 -12.47 -48.70 -35.24
CA LEU B 3 -13.66 -49.47 -35.64
C LEU B 3 -14.95 -49.09 -34.91
N GLY B 4 -14.99 -47.93 -34.27
CA GLY B 4 -16.20 -47.44 -33.62
C GLY B 4 -16.41 -47.88 -32.17
N ASN B 5 -15.37 -48.47 -31.58
CA ASN B 5 -15.49 -49.02 -30.21
C ASN B 5 -14.34 -48.59 -29.30
N THR B 6 -13.51 -47.65 -29.73
CA THR B 6 -12.37 -47.27 -28.87
C THR B 6 -12.54 -46.10 -27.87
N THR B 7 -12.09 -46.36 -26.64
CA THR B 7 -12.03 -45.37 -25.59
C THR B 7 -10.64 -45.42 -24.95
N SER B 8 -10.34 -44.36 -24.19
CA SER B 8 -9.15 -44.34 -23.32
C SER B 8 -9.52 -43.84 -21.91
N SER B 9 -8.67 -44.19 -20.94
CA SER B 9 -8.93 -43.92 -19.53
C SER B 9 -7.68 -43.34 -18.94
N VAL B 10 -7.88 -42.44 -17.97
CA VAL B 10 -6.83 -41.92 -17.11
C VAL B 10 -7.15 -42.24 -15.65
N ILE B 11 -6.17 -42.78 -14.94
CA ILE B 11 -6.27 -43.09 -13.49
C ILE B 11 -5.97 -41.87 -12.59
N LEU B 12 -6.83 -41.58 -11.62
CA LEU B 12 -6.69 -40.39 -10.78
C LEU B 12 -6.22 -40.78 -9.39
N THR B 13 -5.47 -39.89 -8.74
CA THR B 13 -5.18 -39.94 -7.34
C THR B 13 -6.09 -38.99 -6.58
N ASN B 14 -6.63 -39.47 -5.46
CA ASN B 14 -7.50 -38.69 -4.56
C ASN B 14 -6.73 -38.26 -3.30
N TYR B 15 -6.35 -36.98 -3.21
CA TYR B 15 -5.80 -36.43 -1.96
C TYR B 15 -6.92 -35.82 -1.12
N MET B 16 -7.18 -36.42 0.05
CA MET B 16 -8.13 -35.96 1.08
C MET B 16 -9.55 -35.50 0.61
N ASP B 17 -10.00 -36.02 -0.52
CA ASP B 17 -11.39 -35.79 -1.01
C ASP B 17 -11.59 -34.37 -1.56
N THR B 18 -10.48 -33.66 -1.78
CA THR B 18 -10.50 -32.27 -2.31
C THR B 18 -9.72 -32.11 -3.61
N GLN B 19 -8.76 -33.01 -3.87
CA GLN B 19 -7.88 -32.90 -5.05
C GLN B 19 -7.82 -34.23 -5.75
N TYR B 20 -8.25 -34.25 -7.01
CA TYR B 20 -8.29 -35.45 -7.85
C TYR B 20 -7.50 -35.16 -9.12
N TYR B 21 -6.43 -35.93 -9.34
CA TYR B 21 -5.48 -35.56 -10.37
C TYR B 21 -4.83 -36.81 -10.94
N GLY B 22 -4.42 -36.75 -12.19
CA GLY B 22 -3.74 -37.87 -12.85
C GLY B 22 -2.67 -37.27 -13.74
N GLU B 23 -2.06 -38.09 -14.61
CA GLU B 23 -0.89 -37.66 -15.41
C GLU B 23 -1.16 -37.46 -16.90
N ILE B 24 -0.53 -36.42 -17.46
CA ILE B 24 -0.40 -36.23 -18.92
C ILE B 24 1.10 -36.07 -19.23
N GLY B 25 1.49 -36.23 -20.49
CA GLY B 25 2.84 -35.93 -20.95
C GLY B 25 2.77 -34.81 -21.97
N ILE B 26 3.77 -33.93 -21.95
CA ILE B 26 3.92 -32.85 -22.93
C ILE B 26 5.32 -32.83 -23.53
N GLY B 27 5.37 -32.91 -24.86
CA GLY B 27 6.61 -32.81 -25.63
C GLY B 27 7.23 -34.11 -26.09
N THR B 28 8.38 -33.99 -26.76
CA THR B 28 9.15 -35.13 -27.24
C THR B 28 10.61 -35.04 -26.76
N PRO B 29 11.02 -35.91 -25.84
CA PRO B 29 10.15 -36.90 -25.21
C PRO B 29 9.15 -36.26 -24.21
N PRO B 30 8.09 -36.99 -23.84
CA PRO B 30 7.10 -36.47 -22.88
C PRO B 30 7.71 -35.98 -21.59
N GLN B 31 7.38 -34.75 -21.21
CA GLN B 31 7.61 -34.28 -19.87
C GLN B 31 6.32 -34.50 -19.09
N THR B 32 6.43 -35.16 -17.94
CA THR B 32 5.26 -35.62 -17.18
C THR B 32 4.71 -34.59 -16.16
N PHE B 33 3.39 -34.36 -16.20
CA PHE B 33 2.73 -33.41 -15.31
C PHE B 33 1.48 -34.03 -14.66
N LYS B 34 1.27 -33.73 -13.38
CA LYS B 34 0.07 -34.09 -12.61
C LYS B 34 -0.92 -32.97 -12.82
N VAL B 35 -2.14 -33.31 -13.24
CA VAL B 35 -3.11 -32.28 -13.61
C VAL B 35 -4.52 -32.62 -13.11
N VAL B 36 -5.29 -31.58 -12.84
CA VAL B 36 -6.74 -31.68 -12.65
C VAL B 36 -7.46 -31.58 -14.02
N PHE B 37 -8.46 -32.42 -14.23
CA PHE B 37 -9.30 -32.34 -15.41
C PHE B 37 -10.53 -31.62 -14.94
N ASP B 38 -10.69 -30.41 -15.50
CA ASP B 38 -11.60 -29.40 -14.99
C ASP B 38 -12.69 -29.06 -16.02
N THR B 39 -13.96 -29.33 -15.69
CA THR B 39 -15.07 -29.02 -16.61
C THR B 39 -15.60 -27.59 -16.45
N GLY B 40 -15.16 -26.90 -15.41
CA GLY B 40 -15.48 -25.48 -15.21
C GLY B 40 -14.52 -24.51 -15.89
N SER B 41 -13.69 -25.00 -16.82
CA SER B 41 -12.69 -24.17 -17.52
C SER B 41 -12.30 -24.86 -18.82
N SER B 42 -11.62 -24.13 -19.71
CA SER B 42 -11.39 -24.62 -21.08
C SER B 42 -9.96 -24.47 -21.63
N ASN B 43 -8.98 -24.12 -20.80
CA ASN B 43 -7.57 -24.09 -21.25
C ASN B 43 -6.72 -25.16 -20.56
N VAL B 44 -5.57 -25.43 -21.16
CA VAL B 44 -4.51 -26.24 -20.57
C VAL B 44 -3.40 -25.33 -20.03
N TRP B 45 -3.08 -25.48 -18.75
CA TRP B 45 -2.01 -24.71 -18.13
C TRP B 45 -1.04 -25.62 -17.43
N VAL B 46 0.26 -25.43 -17.66
CA VAL B 46 1.32 -25.99 -16.81
C VAL B 46 2.32 -24.89 -16.44
N PRO B 47 3.10 -25.07 -15.36
CA PRO B 47 4.10 -24.07 -15.00
C PRO B 47 5.25 -24.09 -16.01
N SER B 48 5.81 -22.91 -16.29
CA SER B 48 6.91 -22.76 -17.24
C SER B 48 8.28 -22.78 -16.52
N SER B 49 9.31 -23.27 -17.21
CA SER B 49 10.70 -23.12 -16.74
C SER B 49 11.16 -21.66 -16.65
N LYS B 50 10.48 -20.78 -17.37
CA LYS B 50 10.78 -19.35 -17.30
C LYS B 50 10.04 -18.64 -16.17
N CYS B 51 9.33 -19.41 -15.34
CA CYS B 51 8.74 -18.87 -14.11
C CYS B 51 9.84 -18.45 -13.17
N SER B 52 9.70 -17.27 -12.56
CA SER B 52 10.70 -16.72 -11.66
C SER B 52 10.66 -17.40 -10.30
N ARG B 53 11.84 -17.57 -9.68
CA ARG B 53 11.93 -18.22 -8.36
C ARG B 53 11.20 -17.41 -7.28
N LEU B 54 10.83 -16.17 -7.61
CA LEU B 54 9.99 -15.32 -6.75
C LEU B 54 8.60 -15.90 -6.54
N TYR B 55 8.15 -16.72 -7.49
CA TYR B 55 6.85 -17.38 -7.38
C TYR B 55 6.96 -18.74 -6.70
N THR B 56 6.53 -18.79 -5.45
CA THR B 56 6.66 -19.99 -4.60
C THR B 56 5.93 -21.19 -5.21
N ALA B 57 4.76 -20.94 -5.80
CA ALA B 57 3.99 -21.98 -6.46
C ALA B 57 4.71 -22.62 -7.65
N CYS B 58 5.76 -21.96 -8.15
CA CYS B 58 6.61 -22.48 -9.22
C CYS B 58 7.85 -23.26 -8.74
N VAL B 59 8.53 -22.77 -7.71
CA VAL B 59 9.72 -23.48 -7.20
C VAL B 59 9.42 -24.95 -6.87
N TYR B 60 8.21 -25.22 -6.39
CA TYR B 60 7.88 -26.54 -5.87
C TYR B 60 7.04 -27.46 -6.80
N HIS B 61 6.78 -27.02 -8.02
CA HIS B 61 6.07 -27.84 -9.00
C HIS B 61 6.98 -28.15 -10.19
N LYS B 62 6.62 -29.17 -10.96
CA LYS B 62 7.29 -29.56 -12.21
C LYS B 62 7.10 -28.48 -13.28
N LEU B 63 8.16 -28.17 -14.02
CA LEU B 63 8.15 -27.02 -14.95
C LEU B 63 8.38 -27.45 -16.39
N PHE B 64 7.60 -26.92 -17.33
CA PHE B 64 7.80 -27.31 -18.73
C PHE B 64 9.06 -26.66 -19.32
N ASP B 65 9.99 -27.46 -19.85
CA ASP B 65 11.22 -26.91 -20.46
C ASP B 65 11.15 -26.98 -21.98
N ALA B 66 10.75 -25.87 -22.61
CA ALA B 66 10.52 -25.86 -24.07
C ALA B 66 11.78 -26.25 -24.86
N SER B 67 12.94 -25.80 -24.38
CA SER B 67 14.21 -26.13 -25.01
C SER B 67 14.47 -27.63 -25.06
N ASP B 68 13.86 -28.39 -24.14
CA ASP B 68 13.99 -29.86 -24.12
C ASP B 68 13.05 -30.62 -25.05
N SER B 69 12.13 -29.93 -25.73
CA SER B 69 11.15 -30.65 -26.58
C SER B 69 11.41 -30.41 -28.07
N SER B 70 11.69 -31.50 -28.80
CA SER B 70 11.90 -31.45 -30.26
C SER B 70 10.65 -31.14 -31.08
N SER B 71 9.48 -31.34 -30.49
CA SER B 71 8.20 -31.01 -31.14
C SER B 71 7.59 -29.66 -30.73
N TYR B 72 8.27 -28.91 -29.87
CA TYR B 72 7.75 -27.62 -29.38
C TYR B 72 7.63 -26.58 -30.51
N LYS B 73 6.62 -25.71 -30.43
CA LYS B 73 6.50 -24.61 -31.37
C LYS B 73 6.18 -23.32 -30.65
N HIS B 74 7.06 -22.34 -30.83
CA HIS B 74 6.84 -21.02 -30.28
C HIS B 74 5.53 -20.46 -30.79
N ASN B 75 4.83 -19.77 -29.90
CA ASN B 75 3.71 -18.93 -30.26
C ASN B 75 3.95 -17.60 -29.51
N GLY B 76 3.76 -17.62 -28.19
CA GLY B 76 4.14 -16.51 -27.36
C GLY B 76 3.08 -15.48 -27.01
N THR B 77 1.87 -15.64 -27.52
CA THR B 77 0.77 -14.74 -27.13
C THR B 77 0.53 -14.83 -25.61
N GLU B 78 0.52 -13.70 -24.93
CA GLU B 78 0.35 -13.64 -23.49
C GLU B 78 -1.10 -14.00 -23.11
N LEU B 79 -1.27 -14.68 -21.97
CA LEU B 79 -2.60 -15.03 -21.46
C LEU B 79 -2.71 -14.67 -19.99
N THR B 80 -3.89 -14.17 -19.59
CA THR B 80 -4.18 -13.80 -18.20
C THR B 80 -5.50 -14.41 -17.73
N LEU B 81 -5.59 -14.72 -16.44
CA LEU B 81 -6.85 -15.14 -15.81
C LEU B 81 -6.95 -14.44 -14.47
N ARG B 82 -8.02 -13.68 -14.27
CA ARG B 82 -8.23 -12.98 -13.01
C ARG B 82 -8.80 -13.94 -11.96
N TYR B 83 -7.89 -14.70 -11.34
CA TYR B 83 -8.27 -15.66 -10.32
C TYR B 83 -8.58 -14.92 -9.01
N SER B 84 -9.40 -15.53 -8.17
CA SER B 84 -9.90 -14.86 -6.95
C SER B 84 -8.83 -14.30 -6.00
N THR B 85 -7.71 -15.01 -5.82
CA THR B 85 -6.64 -14.56 -4.91
C THR B 85 -5.54 -13.72 -5.59
N GLY B 86 -5.70 -13.45 -6.89
CA GLY B 86 -4.71 -12.67 -7.63
C GLY B 86 -4.56 -13.16 -9.06
N THR B 87 -3.70 -12.49 -9.82
CA THR B 87 -3.58 -12.76 -11.26
C THR B 87 -2.72 -13.99 -11.64
N VAL B 88 -3.21 -14.81 -12.57
CA VAL B 88 -2.37 -15.84 -13.20
C VAL B 88 -2.10 -15.49 -14.65
N SER B 89 -0.82 -15.51 -15.04
CA SER B 89 -0.47 -15.20 -16.40
C SER B 89 0.56 -16.13 -17.00
N GLY B 90 0.59 -16.16 -18.32
CA GLY B 90 1.56 -16.96 -19.02
C GLY B 90 1.54 -16.63 -20.49
N PHE B 91 2.11 -17.51 -21.28
CA PHE B 91 2.14 -17.33 -22.72
C PHE B 91 1.71 -18.63 -23.39
N LEU B 92 1.27 -18.54 -24.65
CA LEU B 92 0.85 -19.68 -25.43
C LEU B 92 2.05 -20.38 -26.03
N SER B 93 2.04 -21.70 -25.96
CA SER B 93 2.96 -22.53 -26.71
C SER B 93 2.21 -23.67 -27.37
N GLN B 94 2.84 -24.30 -28.36
CA GLN B 94 2.23 -25.45 -28.95
C GLN B 94 3.14 -26.65 -28.76
N ASP B 95 2.53 -27.79 -28.41
CA ASP B 95 3.26 -29.04 -28.31
C ASP B 95 2.33 -30.25 -28.35
N ILE B 96 2.93 -31.43 -28.51
CA ILE B 96 2.21 -32.70 -28.45
C ILE B 96 1.91 -33.05 -27.00
N ILE B 97 0.63 -33.20 -26.70
CA ILE B 97 0.19 -33.65 -25.38
C ILE B 97 -0.38 -35.06 -25.49
N THR B 98 0.09 -35.94 -24.59
CA THR B 98 -0.36 -37.33 -24.41
C THR B 98 -1.36 -37.52 -23.27
N VAL B 99 -2.59 -37.91 -23.58
CA VAL B 99 -3.60 -38.13 -22.54
C VAL B 99 -4.17 -39.54 -22.68
N GLY B 100 -3.94 -40.38 -21.67
CA GLY B 100 -4.31 -41.80 -21.75
C GLY B 100 -3.92 -42.46 -23.08
N GLY B 101 -2.73 -42.12 -23.59
CA GLY B 101 -2.23 -42.73 -24.80
C GLY B 101 -2.56 -41.98 -26.08
N ILE B 102 -3.58 -41.12 -26.02
CA ILE B 102 -4.02 -40.32 -27.15
C ILE B 102 -3.09 -39.12 -27.30
N THR B 103 -2.53 -38.90 -28.50
CA THR B 103 -1.63 -37.76 -28.73
C THR B 103 -2.28 -36.66 -29.56
N VAL B 104 -2.16 -35.43 -29.08
CA VAL B 104 -2.82 -34.27 -29.66
C VAL B 104 -1.83 -33.14 -29.79
N THR B 105 -1.71 -32.57 -30.98
CA THR B 105 -1.02 -31.30 -31.13
C THR B 105 -1.98 -30.26 -30.53
N GLN B 106 -1.50 -29.54 -29.51
CA GLN B 106 -2.34 -28.77 -28.61
C GLN B 106 -1.70 -27.46 -28.21
N MET B 107 -2.51 -26.42 -28.17
CA MET B 107 -2.10 -25.13 -27.63
C MET B 107 -2.35 -25.08 -26.12
N PHE B 108 -1.33 -24.68 -25.37
CA PHE B 108 -1.48 -24.57 -23.93
C PHE B 108 -0.79 -23.33 -23.42
N GLY B 109 -1.13 -22.92 -22.21
CA GLY B 109 -0.41 -21.85 -21.51
C GLY B 109 0.72 -22.29 -20.60
N GLU B 110 1.90 -21.68 -20.79
CA GLU B 110 3.03 -21.84 -19.86
C GLU B 110 2.95 -20.72 -18.79
N VAL B 111 2.70 -21.10 -17.53
CA VAL B 111 2.44 -20.16 -16.42
C VAL B 111 3.77 -19.56 -15.92
N THR B 112 3.83 -18.23 -15.83
CA THR B 112 5.03 -17.50 -15.44
C THR B 112 4.82 -16.78 -14.10
N GLU B 113 3.56 -16.55 -13.73
CA GLU B 113 3.21 -15.89 -12.46
C GLU B 113 1.88 -16.38 -11.91
N MET B 114 1.83 -16.59 -10.60
CA MET B 114 0.59 -16.94 -9.90
C MET B 114 0.73 -16.71 -8.39
N PRO B 115 -0.37 -16.38 -7.73
CA PRO B 115 -0.40 -16.21 -6.27
C PRO B 115 0.12 -17.44 -5.53
N ALA B 116 0.69 -17.23 -4.35
CA ALA B 116 1.13 -18.37 -3.54
C ALA B 116 -0.03 -19.29 -3.14
N LEU B 117 -1.16 -18.69 -2.76
CA LEU B 117 -2.32 -19.44 -2.34
C LEU B 117 -3.45 -19.38 -3.37
N PRO B 118 -4.05 -20.53 -3.71
CA PRO B 118 -3.76 -21.83 -3.08
C PRO B 118 -2.75 -22.68 -3.86
N PHE B 119 -2.14 -22.10 -4.88
CA PHE B 119 -1.44 -22.90 -5.87
C PHE B 119 -0.21 -23.61 -5.32
N MET B 120 0.43 -23.04 -4.30
CA MET B 120 1.62 -23.67 -3.74
C MET B 120 1.29 -24.96 -2.98
N LEU B 121 0.03 -25.07 -2.55
CA LEU B 121 -0.46 -26.21 -1.77
C LEU B 121 -1.19 -27.29 -2.58
N ALA B 122 -1.19 -27.14 -3.91
CA ALA B 122 -1.74 -28.12 -4.83
C ALA B 122 -0.74 -29.27 -5.02
N GLU B 123 -1.23 -30.52 -5.00
CA GLU B 123 -0.38 -31.70 -5.27
C GLU B 123 -0.07 -31.81 -6.75
N PHE B 124 -0.97 -31.30 -7.58
CA PHE B 124 -0.82 -31.36 -9.02
C PHE B 124 -0.09 -30.10 -9.51
N ASP B 125 0.48 -30.18 -10.70
CA ASP B 125 1.22 -29.11 -11.34
C ASP B 125 0.39 -28.23 -12.26
N GLY B 126 -0.76 -28.73 -12.73
CA GLY B 126 -1.47 -28.04 -13.80
C GLY B 126 -2.94 -28.40 -13.96
N VAL B 127 -3.56 -27.88 -15.02
CA VAL B 127 -5.01 -28.05 -15.27
C VAL B 127 -5.26 -28.35 -16.74
N VAL B 128 -6.10 -29.36 -17.00
CA VAL B 128 -6.65 -29.64 -18.31
C VAL B 128 -8.12 -29.19 -18.35
N GLY B 129 -8.39 -28.12 -19.08
CA GLY B 129 -9.75 -27.56 -19.14
C GLY B 129 -10.58 -28.40 -20.07
N MET B 130 -11.71 -28.91 -19.55
CA MET B 130 -12.59 -29.79 -20.29
C MET B 130 -13.90 -29.11 -20.71
N GLY B 131 -13.97 -27.79 -20.55
CA GLY B 131 -15.16 -27.03 -21.03
C GLY B 131 -15.22 -26.77 -22.53
N PHE B 132 -16.06 -25.80 -22.93
CA PHE B 132 -16.26 -25.45 -24.34
C PHE B 132 -15.35 -24.30 -24.80
N ILE B 133 -15.26 -24.10 -26.12
CA ILE B 133 -14.43 -23.01 -26.68
C ILE B 133 -14.95 -21.62 -26.26
N GLU B 134 -16.26 -21.50 -26.05
CA GLU B 134 -16.90 -20.25 -25.60
C GLU B 134 -16.25 -19.61 -24.37
N GLN B 135 -15.59 -20.43 -23.55
CA GLN B 135 -14.96 -19.96 -22.31
C GLN B 135 -13.42 -20.00 -22.33
N ALA B 136 -12.82 -20.56 -23.37
CA ALA B 136 -11.36 -20.63 -23.48
C ALA B 136 -10.77 -19.24 -23.62
N ILE B 137 -9.88 -18.89 -22.69
CA ILE B 137 -9.12 -17.65 -22.77
C ILE B 137 -8.26 -17.74 -24.02
N GLY B 138 -8.22 -16.65 -24.77
CA GLY B 138 -7.43 -16.59 -26.00
C GLY B 138 -8.11 -17.28 -27.17
N ARG B 139 -9.32 -17.79 -26.96
CA ARG B 139 -10.08 -18.44 -28.02
C ARG B 139 -9.38 -19.69 -28.57
N VAL B 140 -8.53 -20.30 -27.75
CA VAL B 140 -7.80 -21.49 -28.19
C VAL B 140 -8.63 -22.77 -28.10
N THR B 141 -8.49 -23.61 -29.13
CA THR B 141 -9.21 -24.86 -29.24
C THR B 141 -8.89 -25.72 -28.03
N PRO B 142 -9.92 -26.11 -27.26
CA PRO B 142 -9.73 -27.00 -26.11
C PRO B 142 -9.29 -28.41 -26.49
N ILE B 143 -8.58 -29.08 -25.58
CA ILE B 143 -8.10 -30.43 -25.86
C ILE B 143 -9.17 -31.44 -26.33
N PHE B 144 -10.36 -31.44 -25.73
CA PHE B 144 -11.36 -32.43 -26.11
C PHE B 144 -11.97 -32.10 -27.45
N ASP B 145 -12.05 -30.82 -27.78
CA ASP B 145 -12.38 -30.44 -29.15
C ASP B 145 -11.40 -30.99 -30.20
N ASN B 146 -10.09 -30.95 -29.91
CA ASN B 146 -9.06 -31.49 -30.83
C ASN B 146 -9.06 -33.00 -30.87
N ILE B 147 -9.44 -33.65 -29.77
CA ILE B 147 -9.53 -35.13 -29.72
C ILE B 147 -10.73 -35.64 -30.53
N ILE B 148 -11.88 -34.99 -30.38
CA ILE B 148 -13.05 -35.16 -31.26
C ILE B 148 -12.73 -35.13 -32.78
N SER B 149 -11.94 -34.14 -33.20
CA SER B 149 -11.54 -34.00 -34.62
C SER B 149 -10.76 -35.20 -35.16
N GLN B 150 -9.98 -35.86 -34.29
CA GLN B 150 -9.24 -37.06 -34.70
C GLN B 150 -10.17 -38.20 -35.04
N GLY B 151 -11.38 -38.16 -34.48
CA GLY B 151 -12.43 -39.14 -34.78
C GLY B 151 -12.02 -40.53 -34.36
N VAL B 152 -11.36 -40.63 -33.21
CA VAL B 152 -10.89 -41.90 -32.67
C VAL B 152 -11.89 -42.52 -31.69
N LEU B 153 -12.67 -41.68 -31.03
CA LEU B 153 -13.45 -42.10 -29.85
C LEU B 153 -14.83 -42.65 -30.21
N LYS B 154 -15.29 -43.65 -29.44
CA LYS B 154 -16.56 -44.33 -29.67
C LYS B 154 -17.75 -43.35 -29.78
N GLU B 155 -17.79 -42.37 -28.89
CA GLU B 155 -18.76 -41.29 -28.95
C GLU B 155 -18.18 -40.02 -28.36
N ASP B 156 -18.78 -38.88 -28.71
CA ASP B 156 -18.33 -37.56 -28.25
C ASP B 156 -18.79 -37.24 -26.80
N VAL B 157 -18.28 -38.03 -25.86
CA VAL B 157 -18.54 -37.92 -24.41
C VAL B 157 -17.28 -38.30 -23.62
N PHE B 158 -17.24 -37.87 -22.36
CA PHE B 158 -16.22 -38.28 -21.39
C PHE B 158 -16.87 -38.37 -20.00
N SER B 159 -16.36 -39.24 -19.13
CA SER B 159 -16.99 -39.40 -17.83
C SER B 159 -16.01 -39.38 -16.68
N PHE B 160 -16.52 -39.13 -15.48
CA PHE B 160 -15.70 -38.99 -14.29
C PHE B 160 -16.18 -39.91 -13.20
N TYR B 161 -15.24 -40.71 -12.70
CA TYR B 161 -15.44 -41.49 -11.49
C TYR B 161 -14.49 -40.90 -10.43
N TYR B 162 -15.06 -40.45 -9.30
CA TYR B 162 -14.28 -40.03 -8.14
C TYR B 162 -14.59 -40.95 -6.93
N ASN B 163 -13.57 -41.57 -6.35
CA ASN B 163 -13.70 -42.46 -5.17
C ASN B 163 -13.73 -41.66 -3.83
N ARG B 164 -14.34 -42.25 -2.80
CA ARG B 164 -14.12 -41.78 -1.44
C ARG B 164 -12.65 -42.05 -1.06
N ASP B 165 -12.12 -41.26 -0.13
CA ASP B 165 -10.74 -41.39 0.30
C ASP B 165 -10.63 -42.61 1.23
N SER B 166 -9.88 -43.62 0.80
CA SER B 166 -9.61 -44.81 1.62
C SER B 166 -8.16 -45.28 1.45
N SER B 171 -6.62 -48.85 -3.44
CA SER B 171 -7.24 -48.87 -4.77
C SER B 171 -7.46 -47.47 -5.41
N LEU B 172 -8.18 -47.45 -6.53
CA LEU B 172 -8.27 -46.31 -7.44
C LEU B 172 -8.83 -45.05 -6.78
N GLY B 173 -8.13 -43.93 -6.89
CA GLY B 173 -8.68 -42.67 -6.39
C GLY B 173 -9.79 -42.11 -7.30
N GLY B 174 -9.75 -42.48 -8.57
CA GLY B 174 -10.77 -42.01 -9.49
C GLY B 174 -10.37 -42.39 -10.89
N GLN B 175 -11.19 -42.01 -11.87
CA GLN B 175 -10.89 -42.34 -13.24
C GLN B 175 -11.69 -41.51 -14.20
N ILE B 176 -11.00 -41.00 -15.21
N ILE B 176 -11.02 -40.94 -15.20
CA ILE B 176 -11.66 -40.42 -16.39
CA ILE B 176 -11.74 -40.32 -16.35
C ILE B 176 -11.67 -41.43 -17.51
C ILE B 176 -11.63 -41.22 -17.59
N VAL B 177 -12.78 -41.43 -18.26
CA VAL B 177 -12.85 -42.21 -19.51
C VAL B 177 -13.17 -41.23 -20.65
N LEU B 178 -12.42 -41.32 -21.72
CA LEU B 178 -12.66 -40.48 -22.90
C LEU B 178 -13.31 -41.38 -23.92
N GLY B 179 -14.44 -40.94 -24.46
CA GLY B 179 -15.17 -41.78 -25.38
C GLY B 179 -16.31 -42.60 -24.81
N GLY B 180 -16.59 -42.52 -23.51
CA GLY B 180 -17.61 -43.40 -22.94
C GLY B 180 -17.68 -43.37 -21.41
N SER B 181 -18.23 -44.44 -20.84
CA SER B 181 -18.32 -44.67 -19.41
C SER B 181 -17.89 -46.09 -19.05
N ASP B 182 -17.36 -46.28 -17.85
CA ASP B 182 -16.91 -47.60 -17.39
C ASP B 182 -17.91 -48.20 -16.40
N PRO B 183 -18.66 -49.23 -16.80
CA PRO B 183 -19.69 -49.79 -15.90
C PRO B 183 -19.16 -50.49 -14.64
N GLN B 184 -17.83 -50.63 -14.52
CA GLN B 184 -17.23 -51.11 -13.26
C GLN B 184 -17.45 -50.13 -12.13
N HIS B 185 -17.66 -48.86 -12.48
CA HIS B 185 -17.63 -47.80 -11.51
C HIS B 185 -18.97 -47.10 -11.29
N TYR B 186 -19.99 -47.57 -11.98
CA TYR B 186 -21.35 -47.15 -11.65
C TYR B 186 -22.35 -48.34 -11.56
N GLU B 187 -23.51 -48.08 -11.02
CA GLU B 187 -24.56 -49.08 -10.96
C GLU B 187 -25.86 -48.47 -11.48
N GLY B 188 -26.77 -49.33 -11.92
CA GLY B 188 -28.03 -48.87 -12.54
C GLY B 188 -27.78 -48.18 -13.88
N ASN B 189 -28.62 -47.21 -14.22
CA ASN B 189 -28.61 -46.57 -15.53
C ASN B 189 -28.47 -45.05 -15.44
N PHE B 190 -27.90 -44.42 -16.47
CA PHE B 190 -27.85 -42.97 -16.52
C PHE B 190 -29.19 -42.30 -16.72
N HIS B 191 -29.39 -41.20 -16.01
N HIS B 191 -29.35 -41.16 -16.07
CA HIS B 191 -30.42 -40.20 -16.34
CA HIS B 191 -30.43 -40.21 -16.34
C HIS B 191 -29.70 -38.94 -16.78
C HIS B 191 -29.78 -38.87 -16.69
N TYR B 192 -30.24 -38.28 -17.81
CA TYR B 192 -29.60 -37.13 -18.43
C TYR B 192 -30.39 -35.84 -18.21
N ILE B 193 -29.67 -34.73 -18.09
CA ILE B 193 -30.29 -33.38 -18.01
C ILE B 193 -29.67 -32.54 -19.11
N ASN B 194 -30.51 -31.86 -19.90
CA ASN B 194 -30.02 -30.98 -20.95
C ASN B 194 -29.33 -29.74 -20.42
N LEU B 195 -28.31 -29.27 -21.13
CA LEU B 195 -27.64 -28.03 -20.77
C LEU B 195 -28.64 -26.90 -21.00
N ILE B 196 -28.54 -25.84 -20.20
CA ILE B 196 -29.34 -24.61 -20.44
C ILE B 196 -28.98 -24.09 -21.82
N LYS B 197 -27.68 -23.84 -22.01
CA LYS B 197 -27.12 -23.44 -23.30
C LYS B 197 -25.75 -24.08 -23.50
N THR B 198 -25.35 -24.27 -24.76
CA THR B 198 -24.00 -24.77 -25.05
C THR B 198 -22.97 -23.72 -24.61
N GLY B 199 -21.72 -24.15 -24.51
CA GLY B 199 -20.66 -23.23 -24.07
C GLY B 199 -20.31 -23.31 -22.61
N VAL B 200 -21.16 -23.96 -21.81
CA VAL B 200 -20.95 -24.11 -20.38
C VAL B 200 -21.61 -25.41 -19.88
N TRP B 201 -20.91 -26.13 -18.99
CA TRP B 201 -21.43 -27.39 -18.38
C TRP B 201 -22.37 -27.07 -17.21
N GLN B 202 -23.48 -26.39 -17.53
CA GLN B 202 -24.38 -25.85 -16.50
C GLN B 202 -25.83 -26.22 -16.83
N ILE B 203 -26.60 -26.63 -15.83
CA ILE B 203 -27.94 -27.19 -16.01
C ILE B 203 -28.93 -26.52 -15.04
N GLN B 204 -30.22 -26.62 -15.32
CA GLN B 204 -31.29 -26.15 -14.41
C GLN B 204 -31.39 -27.02 -13.17
N MET B 205 -31.62 -26.38 -12.03
CA MET B 205 -31.96 -27.08 -10.79
C MET B 205 -33.34 -26.55 -10.39
N LYS B 206 -34.27 -27.40 -9.98
CA LYS B 206 -35.63 -26.92 -9.63
C LYS B 206 -35.97 -27.11 -8.15
N GLY B 207 -34.93 -27.22 -7.31
CA GLY B 207 -35.12 -27.25 -5.88
C GLY B 207 -34.01 -27.97 -5.14
N VAL B 208 -33.68 -27.45 -3.96
CA VAL B 208 -32.83 -28.15 -2.99
C VAL B 208 -33.69 -28.46 -1.75
N SER B 209 -33.73 -29.73 -1.35
CA SER B 209 -34.55 -30.19 -0.24
C SER B 209 -33.68 -30.63 0.90
N VAL B 210 -34.10 -30.28 2.11
CA VAL B 210 -33.49 -30.83 3.31
C VAL B 210 -34.53 -31.76 3.91
N GLY B 211 -34.17 -33.03 4.06
CA GLY B 211 -35.11 -34.06 4.46
C GLY B 211 -36.24 -34.16 3.45
N SER B 212 -37.49 -33.99 3.92
CA SER B 212 -38.66 -34.19 3.06
C SER B 212 -39.07 -32.90 2.36
N SER B 213 -38.69 -31.78 2.94
CA SER B 213 -39.16 -30.49 2.48
C SER B 213 -38.14 -29.76 1.61
N THR B 214 -38.63 -29.14 0.55
CA THR B 214 -37.84 -28.23 -0.27
C THR B 214 -37.65 -26.94 0.51
N LEU B 215 -36.38 -26.58 0.71
CA LEU B 215 -36.00 -25.38 1.40
C LEU B 215 -35.60 -24.27 0.43
N LEU B 216 -35.04 -24.64 -0.70
CA LEU B 216 -34.27 -23.70 -1.51
C LEU B 216 -34.55 -23.84 -3.00
N CYS B 217 -34.35 -22.74 -3.72
CA CYS B 217 -34.29 -22.81 -5.16
C CYS B 217 -35.63 -23.21 -5.80
N GLU B 218 -36.74 -22.95 -5.09
CA GLU B 218 -38.04 -22.91 -5.77
C GLU B 218 -37.93 -21.73 -6.71
N ASP B 219 -38.58 -21.80 -7.86
CA ASP B 219 -38.47 -20.74 -8.86
C ASP B 219 -37.18 -20.84 -9.67
N GLY B 220 -36.42 -21.92 -9.43
CA GLY B 220 -35.26 -22.27 -10.24
C GLY B 220 -33.95 -21.60 -9.89
N CYS B 221 -32.87 -22.31 -10.23
CA CYS B 221 -31.49 -21.84 -10.10
C CYS B 221 -30.59 -22.66 -11.03
N LEU B 222 -29.35 -22.23 -11.23
CA LEU B 222 -28.42 -22.89 -12.15
C LEU B 222 -27.44 -23.76 -11.37
N ALA B 223 -26.97 -24.84 -11.98
CA ALA B 223 -26.02 -25.73 -11.31
C ALA B 223 -24.86 -26.06 -12.26
N LEU B 224 -23.68 -25.56 -11.94
CA LEU B 224 -22.48 -25.84 -12.72
C LEU B 224 -21.93 -27.19 -12.26
N VAL B 225 -21.72 -28.11 -13.19
CA VAL B 225 -21.07 -29.39 -12.83
C VAL B 225 -19.55 -29.25 -13.14
N ASP B 226 -18.83 -28.87 -12.07
CA ASP B 226 -17.41 -28.56 -12.10
C ASP B 226 -16.50 -29.62 -11.43
N THR B 227 -15.85 -30.44 -12.23
CA THR B 227 -15.00 -31.52 -11.71
C THR B 227 -13.76 -30.96 -11.01
N GLY B 228 -13.49 -29.68 -11.19
CA GLY B 228 -12.30 -29.06 -10.60
C GLY B 228 -12.57 -28.28 -9.32
N ALA B 229 -13.82 -28.32 -8.83
CA ALA B 229 -14.19 -27.73 -7.54
C ALA B 229 -14.23 -28.83 -6.47
N SER B 230 -13.73 -28.58 -5.26
CA SER B 230 -13.64 -29.67 -4.29
C SER B 230 -15.00 -30.05 -3.69
N TYR B 231 -15.93 -29.10 -3.68
CA TYR B 231 -17.15 -29.21 -2.86
C TYR B 231 -18.42 -28.93 -3.63
N ILE B 232 -19.56 -29.20 -2.99
CA ILE B 232 -20.82 -28.59 -3.41
C ILE B 232 -20.76 -27.15 -2.86
N SER B 233 -21.03 -26.19 -3.73
CA SER B 233 -21.09 -24.80 -3.31
C SER B 233 -22.35 -24.09 -3.79
N GLY B 234 -22.78 -23.12 -2.98
CA GLY B 234 -23.90 -22.26 -3.34
C GLY B 234 -23.50 -20.85 -2.98
N SER B 235 -24.30 -19.89 -3.43
CA SER B 235 -24.13 -18.50 -2.99
C SER B 235 -24.08 -18.48 -1.46
N THR B 236 -23.38 -17.50 -0.93
CA THR B 236 -23.30 -17.28 0.52
C THR B 236 -24.69 -17.25 1.16
N SER B 237 -25.63 -16.52 0.56
CA SER B 237 -27.00 -16.49 1.09
C SER B 237 -27.72 -17.86 1.09
N SER B 238 -27.56 -18.64 0.01
CA SER B 238 -28.15 -20.00 -0.05
C SER B 238 -27.57 -20.95 0.98
N ILE B 239 -26.25 -20.92 1.12
CA ILE B 239 -25.57 -21.84 2.05
C ILE B 239 -25.84 -21.48 3.50
N GLU B 240 -25.98 -20.18 3.78
CA GLU B 240 -26.44 -19.74 5.09
C GLU B 240 -27.77 -20.40 5.48
N LYS B 241 -28.73 -20.35 4.55
CA LYS B 241 -30.04 -20.98 4.75
C LYS B 241 -29.92 -22.50 4.88
N LEU B 242 -29.12 -23.10 3.98
CA LEU B 242 -28.91 -24.53 4.08
C LEU B 242 -28.35 -24.94 5.44
N MET B 243 -27.35 -24.21 5.91
CA MET B 243 -26.63 -24.58 7.13
C MET B 243 -27.44 -24.33 8.40
N GLU B 244 -28.30 -23.33 8.34
CA GLU B 244 -29.25 -23.07 9.42
C GLU B 244 -30.14 -24.30 9.57
N ALA B 245 -30.68 -24.79 8.45
CA ALA B 245 -31.55 -25.97 8.45
C ALA B 245 -30.86 -27.26 8.86
N LEU B 246 -29.54 -27.36 8.69
CA LEU B 246 -28.84 -28.59 9.07
C LEU B 246 -28.43 -28.58 10.54
N GLY B 247 -28.39 -27.39 11.14
CA GLY B 247 -27.85 -27.23 12.50
C GLY B 247 -26.33 -27.10 12.52
N ALA B 248 -25.73 -26.86 11.36
CA ALA B 248 -24.30 -26.67 11.24
C ALA B 248 -23.93 -25.26 11.69
N LYS B 249 -22.75 -25.10 12.31
CA LYS B 249 -22.28 -23.81 12.82
C LYS B 249 -21.15 -23.25 11.97
N LYS B 250 -21.24 -21.96 11.66
CA LYS B 250 -20.23 -21.26 10.86
C LYS B 250 -18.89 -21.06 11.60
N ARG B 251 -17.81 -21.48 10.95
CA ARG B 251 -16.45 -21.20 11.37
C ARG B 251 -15.82 -20.24 10.37
N LEU B 252 -14.54 -19.93 10.58
CA LEU B 252 -13.83 -19.01 9.69
C LEU B 252 -13.84 -19.46 8.24
N PHE B 253 -13.55 -20.74 8.01
CA PHE B 253 -13.36 -21.25 6.65
C PHE B 253 -14.26 -22.45 6.27
N ASP B 254 -15.24 -22.78 7.12
CA ASP B 254 -16.12 -23.92 6.90
C ASP B 254 -17.28 -23.94 7.90
N TYR B 255 -18.08 -25.02 7.89
CA TYR B 255 -19.19 -25.25 8.81
C TYR B 255 -18.98 -26.58 9.51
N VAL B 256 -19.35 -26.66 10.78
CA VAL B 256 -19.11 -27.88 11.57
C VAL B 256 -20.33 -28.34 12.35
N VAL B 257 -20.31 -29.62 12.76
CA VAL B 257 -21.22 -30.15 13.79
C VAL B 257 -20.42 -31.07 14.72
N LYS B 258 -21.05 -31.48 15.82
CA LYS B 258 -20.41 -32.43 16.74
C LYS B 258 -20.45 -33.79 16.09
N CYS B 259 -19.33 -34.52 16.21
CA CYS B 259 -19.12 -35.74 15.43
C CYS B 259 -20.16 -36.82 15.65
N ASN B 260 -20.58 -36.98 16.89
CA ASN B 260 -21.65 -37.92 17.23
C ASN B 260 -23.02 -37.59 16.61
N GLU B 261 -23.23 -36.31 16.28
CA GLU B 261 -24.51 -35.85 15.75
C GLU B 261 -24.55 -35.86 14.21
N GLY B 262 -23.37 -36.04 13.61
CA GLY B 262 -23.22 -36.18 12.16
C GLY B 262 -24.19 -37.16 11.53
N PRO B 263 -24.13 -38.43 11.95
CA PRO B 263 -24.98 -39.50 11.41
C PRO B 263 -26.49 -39.26 11.47
N THR B 264 -26.94 -38.32 12.31
CA THR B 264 -28.37 -38.09 12.47
C THR B 264 -28.86 -36.91 11.62
N LEU B 265 -27.94 -36.16 11.03
CA LEU B 265 -28.29 -35.03 10.16
C LEU B 265 -29.14 -35.48 8.96
N PRO B 266 -30.00 -34.60 8.46
CA PRO B 266 -30.89 -34.96 7.35
C PRO B 266 -30.19 -35.14 6.00
N ASP B 267 -30.83 -35.90 5.11
CA ASP B 267 -30.45 -36.01 3.70
C ASP B 267 -30.68 -34.67 2.96
N ILE B 268 -29.75 -34.31 2.06
CA ILE B 268 -29.98 -33.16 1.18
C ILE B 268 -30.28 -33.68 -0.24
N SER B 269 -31.30 -33.11 -0.89
CA SER B 269 -31.71 -33.57 -2.23
C SER B 269 -31.57 -32.49 -3.27
N PHE B 270 -31.07 -32.85 -4.45
CA PHE B 270 -30.96 -31.89 -5.56
C PHE B 270 -31.90 -32.29 -6.70
N HIS B 271 -32.84 -31.42 -7.04
CA HIS B 271 -33.84 -31.79 -8.05
C HIS B 271 -33.32 -31.39 -9.42
N LEU B 272 -32.79 -32.38 -10.14
CA LEU B 272 -32.20 -32.17 -11.46
C LEU B 272 -32.91 -33.02 -12.50
N GLY B 273 -33.42 -32.37 -13.54
CA GLY B 273 -34.13 -33.05 -14.62
C GLY B 273 -35.25 -34.00 -14.14
N GLY B 274 -36.10 -33.52 -13.25
CA GLY B 274 -37.25 -34.31 -12.81
C GLY B 274 -36.94 -35.46 -11.85
N LYS B 275 -35.66 -35.84 -11.74
CA LYS B 275 -35.17 -36.84 -10.78
C LYS B 275 -34.62 -36.14 -9.53
N GLU B 276 -34.60 -36.82 -8.38
CA GLU B 276 -34.03 -36.25 -7.14
C GLU B 276 -32.69 -36.94 -6.80
N TYR B 277 -31.64 -36.14 -6.61
CA TYR B 277 -30.29 -36.66 -6.29
C TYR B 277 -29.98 -36.36 -4.83
N THR B 278 -29.95 -37.42 -4.03
CA THR B 278 -29.89 -37.35 -2.59
C THR B 278 -28.51 -37.68 -2.04
N LEU B 279 -27.99 -36.80 -1.19
CA LEU B 279 -26.78 -37.10 -0.42
C LEU B 279 -27.21 -37.25 1.02
N THR B 280 -26.88 -38.40 1.61
CA THR B 280 -27.12 -38.62 3.01
C THR B 280 -25.99 -37.99 3.78
N SER B 281 -26.20 -37.88 5.09
CA SER B 281 -25.19 -37.41 6.01
C SER B 281 -23.78 -37.98 5.76
N ALA B 282 -23.65 -39.29 5.56
CA ALA B 282 -22.32 -39.90 5.34
C ALA B 282 -21.67 -39.41 4.04
N ASP B 283 -22.47 -38.83 3.15
CA ASP B 283 -21.95 -38.34 1.87
C ASP B 283 -21.36 -36.92 1.90
N TYR B 284 -21.85 -36.08 2.84
CA TYR B 284 -21.42 -34.68 2.92
C TYR B 284 -20.83 -34.27 4.28
N VAL B 285 -20.75 -35.21 5.21
CA VAL B 285 -20.02 -34.96 6.47
C VAL B 285 -18.68 -35.72 6.46
N PHE B 286 -17.58 -34.99 6.71
CA PHE B 286 -16.29 -35.62 7.00
C PHE B 286 -16.31 -36.24 8.40
N GLN B 287 -16.63 -37.52 8.45
CA GLN B 287 -16.91 -38.24 9.69
C GLN B 287 -15.62 -38.86 10.26
N GLU B 288 -14.62 -38.02 10.46
CA GLU B 288 -13.29 -38.46 10.90
C GLU B 288 -13.26 -38.92 12.36
N SER B 289 -14.33 -38.60 13.09
CA SER B 289 -14.54 -39.11 14.45
C SER B 289 -16.03 -39.36 14.72
N TYR B 290 -16.33 -40.03 15.82
CA TYR B 290 -17.70 -40.20 16.26
C TYR B 290 -17.88 -39.65 17.67
N SER B 291 -16.78 -39.15 18.23
CA SER B 291 -16.75 -38.67 19.60
C SER B 291 -17.59 -37.41 19.79
N SER B 292 -18.44 -37.44 20.83
CA SER B 292 -19.25 -36.27 21.21
C SER B 292 -18.40 -35.05 21.59
N LYS B 293 -17.12 -35.28 21.84
CA LYS B 293 -16.19 -34.24 22.27
C LYS B 293 -15.59 -33.44 21.12
N LYS B 294 -15.81 -33.89 19.88
CA LYS B 294 -15.13 -33.30 18.71
C LYS B 294 -16.05 -32.64 17.67
N LEU B 295 -15.49 -31.69 16.93
CA LEU B 295 -16.17 -31.03 15.80
C LEU B 295 -15.89 -31.71 14.45
N CYS B 296 -16.91 -31.80 13.60
CA CYS B 296 -16.80 -32.41 12.27
C CYS B 296 -17.26 -31.46 11.20
N THR B 297 -16.45 -31.34 10.15
CA THR B 297 -16.66 -30.36 9.11
C THR B 297 -17.46 -30.94 7.93
N LEU B 298 -18.09 -30.06 7.16
CA LEU B 298 -18.94 -30.49 6.05
C LEU B 298 -18.29 -30.23 4.69
N ALA B 299 -18.55 -31.13 3.74
CA ALA B 299 -18.09 -31.00 2.36
C ALA B 299 -18.94 -30.05 1.51
N ILE B 300 -19.44 -28.98 2.13
CA ILE B 300 -20.27 -27.95 1.49
C ILE B 300 -19.84 -26.57 1.97
N HIS B 301 -19.61 -25.69 1.00
CA HIS B 301 -18.98 -24.39 1.24
C HIS B 301 -19.72 -23.30 0.47
N ALA B 302 -19.71 -22.07 0.97
CA ALA B 302 -20.19 -20.94 0.20
C ALA B 302 -19.14 -20.52 -0.87
N MET B 303 -19.63 -20.16 -2.05
CA MET B 303 -18.77 -19.68 -3.12
C MET B 303 -19.64 -18.76 -3.99
N ASP B 304 -19.30 -17.47 -4.00
CA ASP B 304 -20.00 -16.51 -4.87
C ASP B 304 -19.28 -16.38 -6.20
N ILE B 305 -19.84 -17.03 -7.22
CA ILE B 305 -19.24 -17.09 -8.56
C ILE B 305 -19.74 -15.91 -9.43
N PRO B 306 -18.81 -15.13 -9.97
CA PRO B 306 -19.13 -13.94 -10.75
C PRO B 306 -19.81 -14.22 -12.09
N PRO B 307 -20.62 -13.28 -12.58
CA PRO B 307 -21.12 -13.32 -13.95
C PRO B 307 -19.95 -13.44 -14.92
N PRO B 308 -20.15 -13.99 -16.13
CA PRO B 308 -21.45 -14.50 -16.63
C PRO B 308 -21.83 -15.94 -16.21
N THR B 309 -20.87 -16.69 -15.70
CA THR B 309 -21.12 -18.06 -15.21
C THR B 309 -22.09 -18.15 -13.99
N GLY B 310 -21.91 -17.26 -13.02
CA GLY B 310 -22.79 -17.20 -11.85
C GLY B 310 -23.65 -15.93 -11.79
N PRO B 311 -24.43 -15.74 -10.71
CA PRO B 311 -24.52 -16.68 -9.59
C PRO B 311 -25.01 -18.06 -9.99
N THR B 312 -24.50 -19.06 -9.29
CA THR B 312 -24.76 -20.45 -9.60
C THR B 312 -24.30 -21.34 -8.44
N TRP B 313 -24.97 -22.47 -8.26
CA TRP B 313 -24.44 -23.55 -7.44
C TRP B 313 -23.36 -24.22 -8.26
N ALA B 314 -22.42 -24.88 -7.58
CA ALA B 314 -21.45 -25.74 -8.26
C ALA B 314 -21.47 -27.10 -7.58
N LEU B 315 -21.62 -28.12 -8.40
CA LEU B 315 -21.66 -29.51 -7.95
C LEU B 315 -20.28 -30.05 -8.28
N GLY B 316 -19.42 -30.09 -7.28
CA GLY B 316 -18.04 -30.50 -7.51
C GLY B 316 -17.87 -31.88 -6.91
N ALA B 317 -16.64 -32.21 -6.48
CA ALA B 317 -16.28 -33.57 -6.04
C ALA B 317 -17.24 -34.18 -5.04
N THR B 318 -17.81 -33.36 -4.17
CA THR B 318 -18.73 -33.88 -3.16
C THR B 318 -19.91 -34.62 -3.82
N PHE B 319 -20.47 -33.96 -4.83
CA PHE B 319 -21.59 -34.53 -5.59
C PHE B 319 -21.14 -35.70 -6.48
N ILE B 320 -20.06 -35.47 -7.22
CA ILE B 320 -19.50 -36.49 -8.13
C ILE B 320 -19.07 -37.80 -7.47
N ARG B 321 -18.60 -37.76 -6.24
CA ARG B 321 -18.23 -38.98 -5.54
C ARG B 321 -19.45 -39.86 -5.40
N LYS B 322 -20.62 -39.23 -5.26
CA LYS B 322 -21.84 -39.98 -5.08
C LYS B 322 -22.40 -40.44 -6.45
N PHE B 323 -22.34 -39.54 -7.44
CA PHE B 323 -22.88 -39.82 -8.77
C PHE B 323 -21.82 -39.78 -9.87
N TYR B 324 -21.45 -40.96 -10.37
CA TYR B 324 -20.61 -41.12 -11.57
C TYR B 324 -21.19 -40.20 -12.64
N THR B 325 -20.33 -39.36 -13.25
CA THR B 325 -20.83 -38.32 -14.19
C THR B 325 -20.38 -38.48 -15.65
N GLU B 326 -21.32 -38.49 -16.59
CA GLU B 326 -20.99 -38.51 -18.02
C GLU B 326 -21.35 -37.16 -18.66
N PHE B 327 -20.36 -36.58 -19.34
CA PHE B 327 -20.46 -35.29 -20.00
C PHE B 327 -20.60 -35.57 -21.50
N ASP B 328 -21.77 -35.23 -22.04
CA ASP B 328 -22.21 -35.66 -23.39
C ASP B 328 -22.19 -34.46 -24.33
N ARG B 329 -21.15 -34.40 -25.19
CA ARG B 329 -20.96 -33.29 -26.13
C ARG B 329 -21.82 -33.43 -27.37
N ARG B 330 -22.14 -34.67 -27.75
CA ARG B 330 -22.93 -34.91 -28.96
C ARG B 330 -24.36 -34.38 -28.78
N ASN B 331 -24.89 -34.54 -27.56
CA ASN B 331 -26.28 -34.22 -27.25
C ASN B 331 -26.45 -33.00 -26.35
N ASN B 332 -25.36 -32.46 -25.81
CA ASN B 332 -25.35 -31.29 -24.91
C ASN B 332 -26.17 -31.60 -23.66
N ARG B 333 -25.70 -32.60 -22.93
CA ARG B 333 -26.36 -33.07 -21.74
C ARG B 333 -25.35 -33.74 -20.82
N ILE B 334 -25.73 -33.84 -19.55
CA ILE B 334 -24.89 -34.42 -18.51
C ILE B 334 -25.68 -35.59 -17.90
N GLY B 335 -25.05 -36.76 -17.81
CA GLY B 335 -25.74 -37.90 -17.21
C GLY B 335 -25.15 -38.29 -15.87
N PHE B 336 -26.02 -38.76 -14.97
CA PHE B 336 -25.63 -39.21 -13.62
C PHE B 336 -26.09 -40.62 -13.41
N ALA B 337 -25.19 -41.41 -12.84
CA ALA B 337 -25.54 -42.74 -12.37
C ALA B 337 -24.87 -42.88 -11.04
N LEU B 338 -25.41 -43.71 -10.15
CA LEU B 338 -24.86 -43.90 -8.81
C LEU B 338 -23.49 -44.57 -8.91
N ALA B 339 -22.48 -44.00 -8.28
CA ALA B 339 -21.14 -44.55 -8.34
C ALA B 339 -21.08 -45.79 -7.49
N ARG B 340 -20.34 -46.79 -7.93
CA ARG B 340 -20.10 -47.87 -7.01
C ARG B 340 -18.64 -47.94 -6.68
N HIS B 341 -18.37 -48.31 -5.43
CA HIS B 341 -17.03 -48.16 -4.89
C HIS B 341 -16.34 -49.50 -4.70
CLA A5T C . 8.18 35.93 20.25
C36 A5T C . 8.78 35.75 18.57
C33 A5T C . 9.70 36.67 18.09
CLR3 A5T C . 10.26 38.00 19.16
C38 A5T C . 8.35 34.71 17.75
C37 A5T C . 8.81 34.59 16.44
C34 A5T C . 9.74 35.54 15.97
C32 A5T C . 10.19 36.56 16.79
C29 A5T C . 11.18 37.60 16.34
N26 A5T C . 12.05 37.27 15.21
C28 A5T C . 13.35 36.72 15.67
C31 A5T C . 13.13 35.37 16.36
C30 A5T C . 13.65 35.42 14.93
C22 A5T C . 11.69 37.56 13.94
O25 A5T C . 10.56 38.06 13.71
C20 A5T C . 12.56 37.33 12.76
C23 A5T C . 12.05 36.39 11.70
N27 A5T C . 13.15 35.81 10.92
C24 A5T C . 13.92 36.85 10.27
C21 A5T C . 14.60 37.73 11.32
C A5T C . 11.08 37.11 10.76
NB A5T C . 11.80 38.17 10.05
CA A5T C . 12.98 37.66 9.34
C19 A5T C . 13.76 37.97 12.58
C18 A5T C . 14.37 38.95 13.56
C16 A5T C . 13.63 39.93 14.23
C14 A5T C . 14.26 40.81 15.11
C17 A5T C . 15.75 38.90 13.79
C15 A5T C . 16.39 39.79 14.65
C13 A5T C . 15.64 40.75 15.32
C12 A5T C . 16.29 41.68 16.26
C10 A5T C . 16.15 41.54 17.58
C8 A5T C . 15.82 40.22 18.22
O5 A5T C . 16.58 39.95 19.40
C3 A5T C . 15.72 39.52 20.42
C6 A5T C . 14.64 38.66 20.25
F1 A5T C . 14.32 38.18 19.04
C2 A5T C . 15.97 39.99 21.69
CL11 A5T C . 17.38 41.07 21.86
C4 A5T C . 15.15 39.60 22.76
F2 A5T C . 15.39 40.05 24.01
C7 A5T C . 14.08 38.75 22.59
C9 A5T C . 13.81 38.30 21.31
S DMS D . 11.51 31.02 15.91
O DMS D . 12.04 29.33 16.16
C1 DMS D . 9.85 31.07 15.25
C2 DMS D . 11.12 31.80 17.50
C1 NAG E . 33.69 48.25 14.23
C2 NAG E . 34.79 49.27 13.96
C3 NAG E . 34.78 49.73 12.50
C4 NAG E . 34.81 48.54 11.53
C5 NAG E . 33.72 47.53 11.93
C6 NAG E . 33.72 46.30 11.01
C7 NAG E . 35.72 50.91 15.51
C8 NAG E . 36.04 52.35 15.19
N2 NAG E . 34.67 50.40 14.87
O3 NAG E . 35.87 50.61 12.26
O4 NAG E . 34.61 48.95 10.19
O5 NAG E . 33.87 47.18 13.31
O6 NAG E . 32.50 46.21 10.31
O7 NAG E . 36.40 50.28 16.31
CLA A5T F . -5.12 -26.66 -4.36
C36 A5T F . -6.65 -26.37 -5.26
C33 A5T F . -6.58 -25.58 -6.40
CLR3 A5T F . -4.98 -24.93 -6.89
C38 A5T F . -7.86 -26.90 -4.83
C37 A5T F . -9.00 -26.63 -5.58
C34 A5T F . -8.94 -25.83 -6.72
C32 A5T F . -7.71 -25.31 -7.14
C29 A5T F . -7.54 -24.44 -8.37
N26 A5T F . -8.50 -24.59 -9.47
C28 A5T F . -8.00 -25.47 -10.55
C31 A5T F . -7.64 -26.83 -9.96
C30 A5T F . -8.93 -26.65 -10.73
C22 A5T F . -9.67 -23.92 -9.48
O25 A5T F . -9.94 -23.21 -8.53
C20 A5T F . -10.65 -23.94 -10.57
C23 A5T F . -12.09 -24.34 -10.30
N27 A5T F . -12.74 -24.75 -11.52
C24 A5T F . -12.75 -23.69 -12.52
C21 A5T F . -11.31 -23.40 -12.93
C A5T F . -12.87 -23.14 -9.75
NB A5T F . -12.92 -22.02 -10.70
CA A5T F . -13.42 -22.42 -12.00
C19 A5T F . -10.31 -23.46 -11.79
C18 A5T F . -8.94 -22.98 -12.19
C16 A5T F . -8.21 -22.07 -11.41
C14 A5T F . -6.95 -21.64 -11.82
C17 A5T F . -8.39 -23.41 -13.41
C15 A5T F . -7.13 -22.98 -13.81
C13 A5T F . -6.41 -22.09 -13.02
C12 A5T F . -5.05 -21.63 -13.47
C10 A5T F . -4.05 -22.51 -13.65
C8 A5T F . -3.27 -22.98 -12.46
O5 A5T F . -2.64 -24.23 -12.74
C3 A5T F . -1.91 -24.66 -11.65
C6 A5T F . -2.55 -25.25 -10.56
F1 A5T F . -3.88 -25.39 -10.58
C2 A5T F . -0.52 -24.52 -11.62
CL11 A5T F . 0.28 -23.79 -13.06
C4 A5T F . 0.19 -24.96 -10.50
F2 A5T F . 1.54 -24.83 -10.42
C7 A5T F . -0.47 -25.53 -9.43
C9 A5T F . -1.84 -25.67 -9.45
S DMS G . -10.30 -30.80 -8.21
O DMS G . -11.73 -31.48 -7.32
C1 DMS G . -9.52 -29.48 -7.27
C2 DMS G . -8.98 -32.01 -8.19
C1 NAG H . -0.16 -18.94 -32.94
C2 NAG H . 0.02 -17.67 -33.76
C3 NAG H . -1.30 -17.19 -34.35
C4 NAG H . -2.37 -18.27 -34.24
C5 NAG H . -2.54 -18.78 -32.84
C6 NAG H . -3.24 -20.11 -32.92
C7 NAG H . 0.49 -15.41 -32.77
C8 NAG H . -0.70 -14.79 -33.41
N2 NAG H . 0.75 -16.70 -32.98
O3 NAG H . -1.03 -17.03 -35.69
O4 NAG H . -3.65 -17.81 -34.60
O5 NAG H . -1.31 -18.85 -32.16
O6 NAG H . -4.31 -20.11 -32.01
O7 NAG H . 1.21 -14.73 -32.05
#